data_9QAV
#
_entry.id   9QAV
#
_cell.length_a   72.281
_cell.length_b   77.586
_cell.length_c   80.996
_cell.angle_alpha   88.714
_cell.angle_beta   64.857
_cell.angle_gamma   75.072
#
_symmetry.space_group_name_H-M   'P 1'
#
loop_
_entity.id
_entity.type
_entity.pdbx_description
1 polymer 'Angiotensin-converting enzyme, soluble form'
2 branched 2-acetamido-2-deoxy-beta-D-glucopyranose-(1-4)-[alpha-L-fucopyranose-(1-6)]2-acetamido-2-deoxy-beta-D-glucopyranose
3 branched 2-acetamido-2-deoxy-beta-D-glucopyranose-(1-4)-2-acetamido-2-deoxy-beta-D-glucopyranose
4 non-polymer 'ZINC ION'
5 non-polymer 'TETRAETHYLENE GLYCOL'
6 non-polymer DI(HYDROXYETHYL)ETHER
7 non-polymer 'TRIETHYLENE GLYCOL'
8 non-polymer 1,2-ETHANEDIOL
9 non-polymer 1-((2S)-2-{[(1S)-1-CARBOXY-3-PHENYLPROPYL]AMINO}PROPANOYL)-L-PROLINE
10 non-polymer 'CHLORIDE ION'
11 non-polymer 2-acetamido-2-deoxy-beta-D-glucopyranose
12 non-polymer 'CALCIUM ION'
13 water water
#
_entity_poly.entity_id   1
_entity_poly.type   'polypeptide(L)'
_entity_poly.pdbx_seq_one_letter_code
;LDPGLQPGQFSADEAGAQLFAQSYQSSAEQVLFQSVAASWAHDTNITAENARRQEEAALLSQEFAEAWGQKAKELYEPIW
QQFTDPQLRRIIGAVRTLGSANLPLAKRQQYNALLSQMSRIYSTAKVCLPNKTATCWSLDPDLTNILASSRSYAMLLFAW
EGWHNAAGIPLKPLYEDFTALSNEAYKQDGFTDTGAYWRSWYNSPTFEDDLEHLYQQLEPLYLNLHAFVRRALHRRYGDR
YINLRGPIPAHLLGDMWAQSWENIYDMVVPFPDKPNLDVTSTMLQQGWQATHMFRVAEEFFTSLELSPMPPEFWEGSMLE
KPADGREVVCHASAWDFYNRKDFRIKQCTRVTMDQLSTVHHEMGHIQYYLQYKDLPVSLRRGANPGFHEAIGDVLALSVS
TPEHLHKIGLLDRVTNDTESDINYLLKMALEKIAFLPFGYLVDQWRWGVFSGRTPPSRYNFDWWYLRTKYQGICPPVTRN
ETHFDAGAKFHVPNVTPYIRYFVSFVLQFQFHEALCKEAGYEGPLHQCDIYRSTKAGAKLRKVLRAGSSRPWQEVLKDMV
GLDALDAQPLLKYFQLVTQWLQEQNQQNGEVLGWPEYQWHPPLPDNYPE
;
_entity_poly.pdbx_strand_id   A,B
#
# COMPACT_ATOMS: atom_id res chain seq x y z
N LEU A 1 17.86 -2.20 -40.46
CA LEU A 1 16.58 -2.75 -40.94
C LEU A 1 16.67 -2.91 -42.46
N ASP A 2 16.46 -4.13 -42.94
CA ASP A 2 16.38 -4.43 -44.37
C ASP A 2 15.57 -3.35 -45.12
N PRO A 3 16.10 -2.86 -46.28
CA PRO A 3 15.37 -1.93 -47.15
C PRO A 3 13.89 -2.22 -47.31
N GLY A 4 13.60 -3.48 -47.66
CA GLY A 4 12.23 -3.91 -47.93
C GLY A 4 11.32 -3.83 -46.72
N LEU A 5 11.86 -3.65 -45.50
CA LEU A 5 11.08 -3.63 -44.27
C LEU A 5 10.88 -2.21 -43.73
N GLN A 6 11.42 -1.22 -44.42
CA GLN A 6 11.33 0.16 -44.00
C GLN A 6 10.12 0.85 -44.59
N PRO A 7 9.50 1.82 -43.89
CA PRO A 7 8.33 2.48 -44.44
C PRO A 7 8.74 3.44 -45.54
N GLY A 8 7.85 3.68 -46.50
CA GLY A 8 8.06 4.76 -47.44
C GLY A 8 7.37 6.03 -46.96
N GLN A 9 6.94 6.84 -47.90
CA GLN A 9 6.22 8.04 -47.56
C GLN A 9 4.78 7.80 -48.00
N PHE A 10 3.84 8.25 -47.18
CA PHE A 10 2.43 8.24 -47.54
C PHE A 10 1.86 9.64 -47.35
N SER A 11 0.72 9.94 -47.93
CA SER A 11 0.13 11.23 -47.65
C SER A 11 -0.25 11.30 -46.18
N ALA A 12 -0.26 12.54 -45.66
CA ALA A 12 -0.58 12.81 -44.26
C ALA A 12 -2.09 13.07 -44.09
N ASP A 13 -2.85 11.98 -44.26
CA ASP A 13 -4.30 12.00 -44.24
C ASP A 13 -4.73 10.55 -44.07
N GLU A 14 -6.03 10.35 -43.94
CA GLU A 14 -6.60 9.06 -43.60
C GLU A 14 -6.45 8.08 -44.75
N ALA A 15 -6.71 8.55 -46.00
CA ALA A 15 -6.46 7.78 -47.20
C ALA A 15 -5.03 7.21 -47.18
N GLY A 16 -4.03 8.05 -46.90
CA GLY A 16 -2.64 7.61 -46.89
C GLY A 16 -2.34 6.63 -45.75
N ALA A 17 -2.98 6.86 -44.59
CA ALA A 17 -2.89 5.99 -43.43
C ALA A 17 -3.40 4.56 -43.69
N GLN A 18 -4.44 4.40 -44.50
CA GLN A 18 -4.90 3.07 -44.90
C GLN A 18 -3.76 2.32 -45.57
N LEU A 19 -3.12 2.99 -46.57
CA LEU A 19 -2.00 2.47 -47.34
C LEU A 19 -0.81 2.29 -46.40
N PHE A 20 -0.61 3.24 -45.48
CA PHE A 20 0.47 3.10 -44.50
C PHE A 20 0.25 1.79 -43.73
N ALA A 21 -1.00 1.60 -43.25
CA ALA A 21 -1.34 0.45 -42.42
C ALA A 21 -1.22 -0.83 -43.25
N GLN A 22 -1.56 -0.78 -44.53
CA GLN A 22 -1.43 -1.98 -45.35
C GLN A 22 0.05 -2.36 -45.43
N SER A 23 0.91 -1.39 -45.71
CA SER A 23 2.29 -1.70 -46.03
C SER A 23 3.00 -2.15 -44.74
N TYR A 24 2.55 -1.58 -43.60
CA TYR A 24 3.03 -1.92 -42.27
C TYR A 24 2.79 -3.40 -41.98
N GLN A 25 1.62 -3.90 -42.42
CA GLN A 25 1.13 -5.21 -42.03
C GLN A 25 1.98 -6.27 -42.72
N SER A 26 2.28 -6.03 -44.02
CA SER A 26 3.17 -6.92 -44.75
C SER A 26 4.50 -7.04 -44.02
N SER A 27 5.03 -5.88 -43.60
CA SER A 27 6.39 -5.89 -43.11
C SER A 27 6.40 -6.53 -41.72
N ALA A 28 5.33 -6.24 -40.95
CA ALA A 28 5.21 -6.67 -39.57
C ALA A 28 5.06 -8.17 -39.46
N GLU A 29 4.20 -8.75 -40.31
CA GLU A 29 4.03 -10.18 -40.31
C GLU A 29 5.38 -10.84 -40.49
N GLN A 30 6.24 -10.25 -41.34
CA GLN A 30 7.50 -10.91 -41.63
C GLN A 30 8.48 -10.81 -40.47
N VAL A 31 8.33 -9.74 -39.69
CA VAL A 31 9.23 -9.44 -38.61
C VAL A 31 8.76 -10.21 -37.38
N LEU A 32 7.45 -10.18 -37.15
CA LEU A 32 6.85 -10.95 -36.07
C LEU A 32 7.19 -12.43 -36.28
N PHE A 33 7.03 -12.92 -37.51
CA PHE A 33 7.36 -14.29 -37.82
C PHE A 33 8.79 -14.59 -37.36
N GLN A 34 9.80 -13.88 -37.90
CA GLN A 34 11.21 -14.21 -37.65
C GLN A 34 11.49 -14.21 -36.14
N SER A 35 10.78 -13.35 -35.45
CA SER A 35 10.91 -13.20 -34.02
C SER A 35 10.22 -14.35 -33.29
N VAL A 36 8.97 -14.69 -33.66
CA VAL A 36 8.28 -15.73 -32.95
C VAL A 36 8.99 -17.05 -33.20
N ALA A 37 9.52 -17.23 -34.42
CA ALA A 37 10.26 -18.44 -34.75
C ALA A 37 11.51 -18.58 -33.87
N ALA A 38 12.25 -17.49 -33.70
CA ALA A 38 13.51 -17.55 -32.97
C ALA A 38 13.24 -17.89 -31.50
N SER A 39 12.16 -17.35 -30.95
CA SER A 39 11.76 -17.66 -29.57
C SER A 39 11.30 -19.11 -29.46
N TRP A 40 10.62 -19.60 -30.50
CA TRP A 40 10.17 -20.98 -30.50
C TRP A 40 11.39 -21.91 -30.44
N ALA A 41 12.35 -21.67 -31.33
CA ALA A 41 13.60 -22.40 -31.37
C ALA A 41 14.29 -22.35 -30.02
N HIS A 42 14.13 -21.24 -29.29
CA HIS A 42 14.77 -21.15 -27.99
C HIS A 42 14.04 -21.95 -26.93
N ASP A 43 12.74 -21.64 -26.81
CA ASP A 43 11.88 -22.09 -25.73
C ASP A 43 11.67 -23.61 -25.78
N THR A 44 11.84 -24.22 -26.97
CA THR A 44 11.80 -25.66 -27.14
C THR A 44 13.20 -26.27 -27.21
N ASN A 45 14.25 -25.50 -27.07
CA ASN A 45 15.60 -26.06 -27.14
C ASN A 45 16.55 -25.00 -26.61
N ILE A 46 16.56 -24.80 -25.30
CA ILE A 46 17.24 -23.68 -24.66
C ILE A 46 18.76 -23.85 -24.74
N THR A 47 19.44 -23.10 -25.61
CA THR A 47 20.89 -23.13 -25.78
C THR A 47 21.32 -21.68 -25.91
N ALA A 48 22.65 -21.47 -25.84
CA ALA A 48 23.20 -20.13 -25.94
C ALA A 48 23.03 -19.60 -27.36
N GLU A 49 23.24 -20.48 -28.34
CA GLU A 49 23.10 -20.11 -29.73
C GLU A 49 21.64 -19.72 -30.01
N ASN A 50 20.65 -20.39 -29.42
CA ASN A 50 19.27 -20.03 -29.74
C ASN A 50 18.93 -18.73 -29.01
N ALA A 51 19.52 -18.49 -27.85
CA ALA A 51 19.24 -17.29 -27.10
C ALA A 51 19.83 -16.06 -27.82
N ARG A 52 21.04 -16.23 -28.37
CA ARG A 52 21.67 -15.14 -29.08
C ARG A 52 20.82 -14.81 -30.31
N ARG A 53 20.17 -15.82 -30.91
CA ARG A 53 19.33 -15.66 -32.10
C ARG A 53 18.02 -14.96 -31.77
N GLN A 54 17.44 -15.31 -30.64
CA GLN A 54 16.26 -14.63 -30.17
C GLN A 54 16.57 -13.16 -29.90
N GLU A 55 17.73 -12.91 -29.27
CA GLU A 55 18.10 -11.55 -28.96
C GLU A 55 18.29 -10.76 -30.25
N GLU A 56 18.85 -11.39 -31.30
CA GLU A 56 19.09 -10.68 -32.55
C GLU A 56 17.75 -10.40 -33.21
N ALA A 57 16.76 -11.24 -32.95
CA ALA A 57 15.48 -11.09 -33.61
C ALA A 57 14.68 -10.01 -32.91
N ALA A 58 14.80 -9.96 -31.58
CA ALA A 58 14.14 -8.94 -30.79
C ALA A 58 14.68 -7.57 -31.20
N LEU A 59 15.99 -7.50 -31.50
CA LEU A 59 16.64 -6.26 -31.94
C LEU A 59 16.06 -5.77 -33.26
N LEU A 60 15.87 -6.70 -34.17
CA LEU A 60 15.28 -6.39 -35.46
C LEU A 60 13.83 -5.91 -35.25
N SER A 61 13.06 -6.53 -34.36
CA SER A 61 11.75 -6.02 -34.04
C SER A 61 11.78 -4.56 -33.59
N GLN A 62 12.78 -4.24 -32.76
CA GLN A 62 12.86 -2.93 -32.15
C GLN A 62 13.19 -1.91 -33.23
N GLU A 63 14.09 -2.22 -34.18
CA GLU A 63 14.36 -1.31 -35.26
C GLU A 63 13.12 -1.03 -36.13
N PHE A 64 12.36 -2.09 -36.30
CA PHE A 64 11.15 -2.08 -37.09
C PHE A 64 10.16 -1.15 -36.41
N ALA A 65 9.88 -1.40 -35.13
CA ALA A 65 8.87 -0.69 -34.37
C ALA A 65 9.23 0.80 -34.36
N GLU A 66 10.54 1.06 -34.37
CA GLU A 66 11.05 2.41 -34.31
C GLU A 66 10.84 3.10 -35.66
N ALA A 67 11.27 2.47 -36.75
CA ALA A 67 11.19 3.16 -38.02
C ALA A 67 9.70 3.42 -38.37
N TRP A 68 8.82 2.48 -38.07
CA TRP A 68 7.39 2.59 -38.40
C TRP A 68 6.65 3.48 -37.40
N GLY A 69 7.04 3.41 -36.11
CA GLY A 69 6.50 4.29 -35.08
C GLY A 69 6.90 5.75 -35.34
N GLN A 70 8.18 6.01 -35.62
CA GLN A 70 8.62 7.36 -35.93
C GLN A 70 7.82 7.86 -37.12
N LYS A 71 7.63 7.00 -38.13
CA LYS A 71 6.99 7.43 -39.35
C LYS A 71 5.49 7.70 -39.11
N ALA A 72 4.81 6.85 -38.32
CA ALA A 72 3.43 7.12 -37.92
C ALA A 72 3.29 8.49 -37.24
N LYS A 73 4.23 8.84 -36.34
CA LYS A 73 4.18 10.12 -35.64
C LYS A 73 4.38 11.25 -36.63
N GLU A 74 5.39 11.11 -37.48
CA GLU A 74 5.70 12.17 -38.42
C GLU A 74 4.49 12.47 -39.33
N LEU A 75 3.75 11.46 -39.77
CA LEU A 75 2.69 11.68 -40.76
C LEU A 75 1.36 11.97 -40.08
N TYR A 76 1.06 11.34 -38.95
CA TYR A 76 -0.31 11.29 -38.47
C TYR A 76 -0.53 11.82 -37.05
N GLU A 77 0.47 12.38 -36.37
CA GLU A 77 0.31 12.77 -34.96
C GLU A 77 -0.85 13.78 -34.88
N PRO A 78 -0.89 14.81 -35.74
CA PRO A 78 -2.04 15.71 -35.72
C PRO A 78 -3.42 15.07 -35.89
N ILE A 79 -3.57 13.96 -36.66
CA ILE A 79 -4.88 13.64 -37.25
C ILE A 79 -5.40 12.25 -36.91
N TRP A 80 -4.56 11.35 -36.38
CA TRP A 80 -4.92 9.95 -36.29
C TRP A 80 -6.11 9.74 -35.37
N GLN A 81 -6.25 10.60 -34.35
CA GLN A 81 -7.30 10.43 -33.36
C GLN A 81 -8.65 10.92 -33.90
N GLN A 82 -8.66 11.67 -34.99
CA GLN A 82 -9.90 12.11 -35.62
C GLN A 82 -10.27 11.23 -36.82
N PHE A 83 -9.51 10.18 -37.11
CA PHE A 83 -9.81 9.39 -38.31
C PHE A 83 -11.18 8.73 -38.17
N THR A 84 -11.87 8.57 -39.32
CA THR A 84 -13.23 8.01 -39.36
C THR A 84 -13.22 6.50 -39.11
N ASP A 85 -12.09 5.86 -39.50
CA ASP A 85 -11.99 4.42 -39.51
C ASP A 85 -11.60 4.08 -38.10
N PRO A 86 -12.50 3.53 -37.24
CA PRO A 86 -12.14 3.23 -35.85
C PRO A 86 -10.98 2.23 -35.70
N GLN A 87 -10.90 1.33 -36.67
CA GLN A 87 -9.93 0.24 -36.64
C GLN A 87 -8.54 0.80 -36.99
N LEU A 88 -8.52 1.78 -37.90
CA LEU A 88 -7.30 2.45 -38.29
C LEU A 88 -6.79 3.34 -37.17
N ARG A 89 -7.68 3.88 -36.30
CA ARG A 89 -7.22 4.61 -35.12
C ARG A 89 -6.42 3.68 -34.20
N ARG A 90 -6.96 2.49 -34.01
CA ARG A 90 -6.37 1.55 -33.08
C ARG A 90 -5.03 1.05 -33.61
N ILE A 91 -4.96 0.84 -34.92
CA ILE A 91 -3.77 0.36 -35.59
C ILE A 91 -2.67 1.42 -35.41
N ILE A 92 -2.93 2.66 -35.86
CA ILE A 92 -1.93 3.72 -35.81
C ILE A 92 -1.52 3.95 -34.36
N GLY A 93 -2.53 4.00 -33.48
CA GLY A 93 -2.33 4.03 -32.03
C GLY A 93 -1.33 2.98 -31.56
N ALA A 94 -1.44 1.73 -32.03
CA ALA A 94 -0.53 0.66 -31.66
C ALA A 94 0.86 0.92 -32.22
N VAL A 95 0.89 1.29 -33.50
CA VAL A 95 2.13 1.45 -34.25
C VAL A 95 2.98 2.57 -33.67
N ARG A 96 2.35 3.58 -33.09
CA ARG A 96 3.08 4.73 -32.56
C ARG A 96 3.64 4.42 -31.17
N THR A 97 3.21 3.32 -30.51
CA THR A 97 3.77 2.95 -29.21
C THR A 97 5.11 2.24 -29.41
N LEU A 98 6.21 2.90 -29.04
CA LEU A 98 7.52 2.31 -29.32
C LEU A 98 7.94 1.27 -28.29
N GLY A 99 7.41 1.34 -27.07
CA GLY A 99 7.96 0.54 -26.00
C GLY A 99 9.48 0.59 -25.98
N SER A 100 10.09 -0.61 -25.92
CA SER A 100 11.51 -0.79 -25.72
C SER A 100 12.32 -0.24 -26.89
N ALA A 101 11.64 0.02 -28.01
CA ALA A 101 12.28 0.62 -29.16
C ALA A 101 12.64 2.08 -28.91
N ASN A 102 12.12 2.68 -27.83
CA ASN A 102 12.53 4.03 -27.40
C ASN A 102 13.92 4.02 -26.81
N LEU A 103 14.44 2.83 -26.45
CA LEU A 103 15.76 2.74 -25.86
C LEU A 103 16.82 2.91 -26.93
N PRO A 104 17.97 3.49 -26.58
CA PRO A 104 19.12 3.43 -27.47
C PRO A 104 19.69 2.02 -27.51
N LEU A 105 20.54 1.79 -28.51
CA LEU A 105 20.93 0.44 -28.92
C LEU A 105 21.49 -0.37 -27.74
N ALA A 106 22.45 0.21 -27.01
CA ALA A 106 23.12 -0.55 -25.97
C ALA A 106 22.11 -0.96 -24.90
N LYS A 107 21.10 -0.13 -24.68
CA LYS A 107 20.10 -0.43 -23.67
C LYS A 107 19.06 -1.37 -24.24
N ARG A 108 18.85 -1.36 -25.56
CA ARG A 108 18.00 -2.41 -26.12
C ARG A 108 18.66 -3.79 -26.00
N GLN A 109 19.96 -3.89 -26.33
CA GLN A 109 20.67 -5.14 -26.15
C GLN A 109 20.63 -5.66 -24.72
N GLN A 110 20.77 -4.72 -23.77
CA GLN A 110 20.70 -5.04 -22.35
C GLN A 110 19.31 -5.58 -21.98
N TYR A 111 18.27 -4.83 -22.37
CA TYR A 111 16.90 -5.22 -22.13
C TYR A 111 16.62 -6.61 -22.71
N ASN A 112 17.09 -6.87 -23.93
CA ASN A 112 16.84 -8.13 -24.56
C ASN A 112 17.60 -9.22 -23.82
N ALA A 113 18.86 -8.95 -23.41
CA ALA A 113 19.65 -9.93 -22.68
C ALA A 113 18.98 -10.27 -21.35
N LEU A 114 18.40 -9.28 -20.69
CA LEU A 114 17.71 -9.47 -19.44
C LEU A 114 16.51 -10.42 -19.61
N LEU A 115 15.61 -10.15 -20.57
CA LEU A 115 14.51 -11.05 -20.87
C LEU A 115 15.00 -12.49 -21.12
N SER A 116 15.96 -12.65 -22.01
CA SER A 116 16.56 -13.94 -22.29
C SER A 116 17.07 -14.63 -21.02
N GLN A 117 17.87 -13.92 -20.21
CA GLN A 117 18.54 -14.56 -19.11
C GLN A 117 17.57 -14.87 -17.98
N MET A 118 16.57 -14.03 -17.75
CA MET A 118 15.54 -14.32 -16.75
C MET A 118 14.71 -15.53 -17.17
N SER A 119 14.31 -15.59 -18.43
CA SER A 119 13.63 -16.76 -18.95
C SER A 119 14.47 -18.02 -18.66
N ARG A 120 15.78 -17.98 -18.97
CA ARG A 120 16.63 -19.17 -18.88
C ARG A 120 16.83 -19.57 -17.42
N ILE A 121 16.92 -18.59 -16.53
CA ILE A 121 17.10 -18.92 -15.14
C ILE A 121 15.82 -19.59 -14.64
N TYR A 122 14.68 -18.96 -14.86
CA TYR A 122 13.43 -19.52 -14.38
C TYR A 122 13.23 -20.93 -14.90
N SER A 123 13.49 -21.16 -16.19
CA SER A 123 13.14 -22.41 -16.84
C SER A 123 14.25 -23.47 -16.72
N THR A 124 15.44 -23.16 -16.20
CA THR A 124 16.44 -24.21 -16.04
C THR A 124 16.83 -24.38 -14.58
N ALA A 125 16.24 -23.61 -13.66
CA ALA A 125 16.47 -23.84 -12.25
C ALA A 125 16.02 -25.24 -11.85
N LYS A 126 16.82 -25.87 -10.99
CA LYS A 126 16.56 -27.19 -10.47
C LYS A 126 16.73 -27.08 -8.96
N VAL A 127 16.19 -28.06 -8.23
CA VAL A 127 16.48 -28.25 -6.82
C VAL A 127 17.19 -29.59 -6.64
N CYS A 128 18.41 -29.61 -6.09
CA CYS A 128 19.24 -30.81 -5.91
C CYS A 128 19.13 -31.33 -4.48
N LEU A 129 19.67 -32.53 -4.15
CA LEU A 129 19.45 -33.16 -2.85
C LEU A 129 20.77 -33.35 -2.14
N THR A 135 21.66 -35.59 -8.94
CA THR A 135 20.27 -35.90 -8.55
C THR A 135 19.43 -34.60 -8.46
N CYS A 136 18.81 -34.09 -9.56
CA CYS A 136 18.14 -32.78 -9.54
C CYS A 136 16.70 -32.75 -10.09
N TRP A 137 15.79 -32.12 -9.34
CA TRP A 137 14.39 -32.00 -9.70
C TRP A 137 14.05 -30.70 -10.41
N SER A 138 13.28 -30.81 -11.48
CA SER A 138 12.88 -29.65 -12.22
C SER A 138 11.50 -29.24 -11.72
N LEU A 139 11.08 -28.03 -12.07
CA LEU A 139 9.80 -27.52 -11.64
C LEU A 139 8.72 -28.42 -12.20
N ASP A 140 8.85 -28.75 -13.49
CA ASP A 140 7.86 -29.54 -14.20
C ASP A 140 8.59 -30.69 -14.89
N PRO A 141 8.31 -31.98 -14.55
CA PRO A 141 7.24 -32.38 -13.64
C PRO A 141 7.54 -32.58 -12.13
N ASP A 142 8.80 -32.57 -11.75
CA ASP A 142 9.21 -33.13 -10.45
C ASP A 142 8.62 -32.33 -9.27
N LEU A 143 8.73 -31.02 -9.26
CA LEU A 143 8.29 -30.27 -8.10
C LEU A 143 6.78 -30.03 -8.13
N THR A 144 6.22 -29.83 -9.31
CA THR A 144 4.78 -29.79 -9.47
C THR A 144 4.15 -31.02 -8.81
N ASN A 145 4.71 -32.18 -9.13
CA ASN A 145 4.19 -33.44 -8.62
C ASN A 145 4.32 -33.47 -7.11
N ILE A 146 5.47 -33.08 -6.58
CA ILE A 146 5.62 -33.13 -5.14
C ILE A 146 4.53 -32.28 -4.49
N LEU A 147 4.34 -31.05 -4.96
CA LEU A 147 3.39 -30.12 -4.35
C LEU A 147 1.95 -30.64 -4.43
N ALA A 148 1.67 -31.33 -5.55
CA ALA A 148 0.33 -31.77 -5.87
C ALA A 148 -0.08 -32.95 -5.00
N SER A 149 0.86 -33.83 -4.66
CA SER A 149 0.46 -35.06 -4.00
C SER A 149 1.45 -35.59 -2.96
N SER A 150 2.54 -34.93 -2.64
CA SER A 150 3.15 -35.24 -1.36
C SER A 150 2.25 -34.63 -0.27
N ARG A 151 2.23 -35.31 0.88
CA ARG A 151 1.47 -34.86 2.04
C ARG A 151 2.38 -34.85 3.27
N SER A 152 3.69 -34.99 3.01
CA SER A 152 4.72 -34.81 4.02
C SER A 152 5.06 -33.33 4.16
N TYR A 153 4.79 -32.76 5.34
CA TYR A 153 5.04 -31.36 5.56
C TYR A 153 6.49 -31.04 5.18
N ALA A 154 7.44 -31.88 5.60
CA ALA A 154 8.87 -31.65 5.45
C ALA A 154 9.30 -31.72 4.01
N MET A 155 8.72 -32.63 3.24
CA MET A 155 9.06 -32.79 1.84
C MET A 155 8.47 -31.64 1.01
N LEU A 156 7.23 -31.25 1.31
CA LEU A 156 6.61 -30.09 0.69
C LEU A 156 7.44 -28.82 0.96
N LEU A 157 7.99 -28.73 2.17
CA LEU A 157 8.79 -27.58 2.53
C LEU A 157 10.11 -27.59 1.74
N PHE A 158 10.72 -28.75 1.60
CA PHE A 158 11.97 -28.86 0.87
C PHE A 158 11.75 -28.39 -0.56
N ALA A 159 10.60 -28.77 -1.11
CA ALA A 159 10.37 -28.44 -2.50
C ALA A 159 10.04 -26.95 -2.64
N TRP A 160 9.20 -26.46 -1.73
CA TRP A 160 8.74 -25.08 -1.78
C TRP A 160 9.93 -24.12 -1.64
N GLU A 161 10.76 -24.38 -0.64
CA GLU A 161 11.90 -23.55 -0.32
C GLU A 161 12.99 -23.71 -1.38
N GLY A 162 13.32 -24.96 -1.73
CA GLY A 162 14.25 -25.23 -2.81
C GLY A 162 13.88 -24.42 -4.06
N TRP A 163 12.61 -24.45 -4.40
CA TRP A 163 12.22 -23.87 -5.67
C TRP A 163 12.38 -22.34 -5.61
N HIS A 164 11.80 -21.75 -4.55
CA HIS A 164 11.77 -20.31 -4.35
C HIS A 164 13.20 -19.79 -4.27
N ASN A 165 14.09 -20.55 -3.62
CA ASN A 165 15.52 -20.23 -3.57
C ASN A 165 16.23 -20.34 -4.90
N ALA A 166 16.05 -21.45 -5.60
CA ALA A 166 16.80 -21.70 -6.82
C ALA A 166 16.44 -20.69 -7.91
N ALA A 167 15.15 -20.28 -7.95
CA ALA A 167 14.65 -19.44 -9.02
C ALA A 167 14.64 -17.97 -8.61
N GLY A 168 14.24 -17.69 -7.36
CA GLY A 168 14.13 -16.31 -6.86
C GLY A 168 15.49 -15.62 -6.79
N ILE A 169 16.39 -16.21 -6.05
CA ILE A 169 17.56 -15.50 -5.57
C ILE A 169 18.33 -14.93 -6.77
N PRO A 170 18.71 -15.74 -7.77
CA PRO A 170 19.48 -15.21 -8.90
C PRO A 170 18.72 -14.25 -9.82
N LEU A 171 17.39 -14.22 -9.76
CA LEU A 171 16.63 -13.32 -10.61
C LEU A 171 16.71 -11.87 -10.14
N LYS A 172 16.85 -11.61 -8.84
CA LYS A 172 16.62 -10.27 -8.30
C LYS A 172 17.48 -9.17 -8.95
N PRO A 173 18.84 -9.31 -9.11
CA PRO A 173 19.64 -8.27 -9.76
C PRO A 173 19.16 -7.96 -11.17
N LEU A 174 18.70 -8.99 -11.86
CA LEU A 174 18.30 -8.85 -13.24
C LEU A 174 16.94 -8.16 -13.30
N TYR A 175 16.05 -8.49 -12.36
CA TYR A 175 14.70 -7.94 -12.32
C TYR A 175 14.78 -6.43 -12.03
N GLU A 176 15.76 -6.01 -11.23
CA GLU A 176 15.86 -4.61 -10.89
C GLU A 176 16.26 -3.81 -12.13
N ASP A 177 17.26 -4.35 -12.84
CA ASP A 177 17.73 -3.73 -14.06
C ASP A 177 16.62 -3.66 -15.10
N PHE A 178 15.90 -4.76 -15.20
CA PHE A 178 14.81 -4.88 -16.13
C PHE A 178 13.79 -3.77 -15.89
N THR A 179 13.38 -3.59 -14.64
CA THR A 179 12.35 -2.64 -14.27
C THR A 179 12.76 -1.21 -14.65
N ALA A 180 14.04 -0.90 -14.44
CA ALA A 180 14.54 0.43 -14.73
C ALA A 180 14.42 0.72 -16.21
N LEU A 181 14.93 -0.22 -17.01
CA LEU A 181 14.90 -0.09 -18.46
C LEU A 181 13.48 -0.09 -19.03
N SER A 182 12.58 -0.85 -18.45
CA SER A 182 11.19 -0.91 -18.89
C SER A 182 10.56 0.47 -18.75
N ASN A 183 10.67 1.03 -17.54
CA ASN A 183 10.10 2.31 -17.19
C ASN A 183 10.64 3.40 -18.11
N GLU A 184 11.96 3.37 -18.28
CA GLU A 184 12.61 4.33 -19.13
C GLU A 184 11.97 4.30 -20.52
N ALA A 185 11.76 3.09 -21.01
CA ALA A 185 11.22 2.94 -22.34
C ALA A 185 9.79 3.52 -22.44
N TYR A 186 8.88 3.13 -21.53
CA TYR A 186 7.49 3.52 -21.63
C TYR A 186 7.29 4.98 -21.25
N LYS A 187 8.21 5.56 -20.46
CA LYS A 187 8.15 6.99 -20.16
C LYS A 187 8.23 7.81 -21.45
N GLN A 188 9.06 7.39 -22.41
CA GLN A 188 9.07 8.06 -23.68
C GLN A 188 7.82 7.79 -24.53
N ASP A 189 6.94 6.86 -24.20
CA ASP A 189 5.64 6.86 -24.87
C ASP A 189 4.63 7.77 -24.16
N GLY A 190 5.05 8.45 -23.07
CA GLY A 190 4.18 9.33 -22.28
C GLY A 190 3.57 8.67 -21.04
N PHE A 191 3.94 7.43 -20.70
CA PHE A 191 3.37 6.83 -19.51
C PHE A 191 4.22 7.20 -18.30
N THR A 192 3.62 7.33 -17.12
CA THR A 192 4.41 7.57 -15.91
C THR A 192 5.28 6.36 -15.57
N ASP A 193 4.87 5.12 -15.94
CA ASP A 193 5.63 3.91 -15.69
C ASP A 193 5.04 2.75 -16.52
N THR A 194 5.78 1.64 -16.59
CA THR A 194 5.36 0.49 -17.35
C THR A 194 3.98 -0.01 -16.88
N GLY A 195 3.73 0.03 -15.56
CA GLY A 195 2.46 -0.33 -14.98
C GLY A 195 1.28 0.48 -15.54
N ALA A 196 1.46 1.80 -15.74
CA ALA A 196 0.38 2.62 -16.28
C ALA A 196 0.08 2.18 -17.69
N TYR A 197 1.13 1.77 -18.41
CA TYR A 197 0.93 1.30 -19.77
C TYR A 197 0.09 0.01 -19.80
N TRP A 198 0.40 -0.93 -18.90
CA TRP A 198 -0.28 -2.21 -18.88
C TRP A 198 -1.75 -1.99 -18.52
N ARG A 199 -1.99 -1.13 -17.55
CA ARG A 199 -3.33 -0.81 -17.07
C ARG A 199 -4.14 -0.09 -18.16
N SER A 200 -3.46 0.59 -19.11
CA SER A 200 -4.10 1.39 -20.14
C SER A 200 -4.79 0.52 -21.19
N TRP A 201 -4.37 -0.73 -21.30
CA TRP A 201 -5.02 -1.67 -22.22
C TRP A 201 -6.50 -1.82 -21.89
N TYR A 202 -6.92 -1.68 -20.63
CA TYR A 202 -8.32 -1.89 -20.29
C TYR A 202 -9.13 -0.67 -20.69
N ASN A 203 -8.46 0.43 -21.03
CA ASN A 203 -9.12 1.59 -21.57
C ASN A 203 -10.36 1.90 -20.74
N SER A 204 -10.13 2.07 -19.44
CA SER A 204 -11.19 2.24 -18.47
C SER A 204 -10.70 3.23 -17.41
N PRO A 205 -11.23 4.46 -17.32
CA PRO A 205 -10.73 5.41 -16.34
C PRO A 205 -10.87 4.93 -14.90
N THR A 206 -11.79 4.01 -14.61
CA THR A 206 -12.07 3.59 -13.25
C THR A 206 -11.47 2.20 -12.98
N PHE A 207 -10.47 1.78 -13.75
CA PHE A 207 -10.00 0.40 -13.74
C PHE A 207 -9.70 -0.10 -12.33
N GLU A 208 -8.81 0.58 -11.58
CA GLU A 208 -8.42 0.10 -10.26
C GLU A 208 -9.59 -0.01 -9.29
N ASP A 209 -10.45 1.01 -9.29
CA ASP A 209 -11.67 1.04 -8.52
C ASP A 209 -12.61 -0.11 -8.84
N ASP A 210 -12.85 -0.36 -10.14
CA ASP A 210 -13.71 -1.45 -10.60
C ASP A 210 -13.23 -2.81 -10.09
N LEU A 211 -11.93 -3.08 -10.21
CA LEU A 211 -11.37 -4.30 -9.68
C LEU A 211 -11.60 -4.45 -8.18
N GLU A 212 -11.40 -3.37 -7.40
CA GLU A 212 -11.55 -3.43 -5.95
C GLU A 212 -13.03 -3.62 -5.60
N HIS A 213 -13.96 -3.04 -6.37
CA HIS A 213 -15.39 -3.28 -6.15
C HIS A 213 -15.67 -4.76 -6.43
N LEU A 214 -15.07 -5.33 -7.48
CA LEU A 214 -15.21 -6.74 -7.76
C LEU A 214 -14.66 -7.60 -6.61
N TYR A 215 -13.42 -7.31 -6.20
CA TYR A 215 -12.78 -8.13 -5.18
C TYR A 215 -13.57 -8.09 -3.87
N GLN A 216 -14.14 -6.95 -3.54
CA GLN A 216 -14.91 -6.85 -2.31
C GLN A 216 -16.14 -7.75 -2.31
N GLN A 217 -16.73 -7.94 -3.49
CA GLN A 217 -17.90 -8.80 -3.60
C GLN A 217 -17.53 -10.28 -3.53
N LEU A 218 -16.30 -10.61 -3.96
CA LEU A 218 -15.81 -11.97 -4.02
C LEU A 218 -15.11 -12.40 -2.74
N GLU A 219 -14.54 -11.43 -2.01
CA GLU A 219 -13.75 -11.78 -0.83
C GLU A 219 -14.52 -12.68 0.16
N PRO A 220 -15.81 -12.44 0.52
CA PRO A 220 -16.51 -13.36 1.44
C PRO A 220 -16.43 -14.84 1.04
N LEU A 221 -16.52 -15.13 -0.26
CA LEU A 221 -16.48 -16.52 -0.70
C LEU A 221 -15.08 -17.02 -0.41
N TYR A 222 -14.07 -16.28 -0.85
CA TYR A 222 -12.71 -16.73 -0.60
C TYR A 222 -12.49 -16.94 0.91
N LEU A 223 -13.02 -16.05 1.76
CA LEU A 223 -12.80 -16.21 3.18
C LEU A 223 -13.44 -17.49 3.70
N ASN A 224 -14.65 -17.81 3.24
CA ASN A 224 -15.37 -18.96 3.76
C ASN A 224 -14.64 -20.24 3.36
N LEU A 225 -14.13 -20.26 2.11
CA LEU A 225 -13.44 -21.42 1.58
C LEU A 225 -12.13 -21.66 2.33
N HIS A 226 -11.34 -20.57 2.44
CA HIS A 226 -10.11 -20.51 3.21
C HIS A 226 -10.31 -21.18 4.59
N ALA A 227 -11.32 -20.73 5.33
CA ALA A 227 -11.49 -21.18 6.70
C ALA A 227 -11.82 -22.69 6.71
N PHE A 228 -12.60 -23.09 5.71
CA PHE A 228 -12.97 -24.49 5.57
C PHE A 228 -11.75 -25.37 5.30
N VAL A 229 -10.97 -25.00 4.29
CA VAL A 229 -9.74 -25.68 3.93
C VAL A 229 -8.73 -25.68 5.07
N ARG A 230 -8.54 -24.53 5.72
CA ARG A 230 -7.67 -24.48 6.88
C ARG A 230 -8.07 -25.53 7.93
N ARG A 231 -9.34 -25.65 8.21
CA ARG A 231 -9.81 -26.59 9.20
C ARG A 231 -9.49 -28.02 8.76
N ALA A 232 -9.62 -28.29 7.46
CA ALA A 232 -9.35 -29.60 6.90
C ALA A 232 -7.88 -29.93 7.10
N LEU A 233 -7.02 -28.93 6.78
CA LEU A 233 -5.59 -29.04 6.91
C LEU A 233 -5.24 -29.28 8.36
N HIS A 234 -5.94 -28.60 9.28
CA HIS A 234 -5.67 -28.74 10.70
C HIS A 234 -5.92 -30.18 11.14
N ARG A 235 -6.95 -30.80 10.57
CA ARG A 235 -7.27 -32.17 10.95
C ARG A 235 -6.15 -33.10 10.51
N ARG A 236 -5.40 -32.78 9.45
CA ARG A 236 -4.35 -33.67 8.99
C ARG A 236 -2.98 -33.33 9.60
N TYR A 237 -2.63 -32.04 9.67
CA TYR A 237 -1.27 -31.62 9.98
C TYR A 237 -1.12 -31.23 11.45
N GLY A 238 -2.23 -31.00 12.16
CA GLY A 238 -2.25 -30.81 13.60
C GLY A 238 -2.09 -29.34 14.03
N ASP A 239 -2.10 -29.10 15.35
CA ASP A 239 -2.07 -27.79 15.96
C ASP A 239 -0.71 -27.10 15.79
N ARG A 240 0.37 -27.86 15.70
CA ARG A 240 1.68 -27.28 15.56
C ARG A 240 1.85 -26.55 14.22
N TYR A 241 1.29 -27.06 13.11
CA TYR A 241 1.59 -26.53 11.79
C TYR A 241 0.42 -25.82 11.12
N ILE A 242 -0.75 -25.84 11.78
CA ILE A 242 -1.89 -25.06 11.35
C ILE A 242 -2.41 -24.27 12.54
N ASN A 243 -2.52 -22.96 12.33
CA ASN A 243 -3.18 -22.03 13.23
C ASN A 243 -4.56 -21.69 12.66
N LEU A 244 -5.60 -22.11 13.36
CA LEU A 244 -6.98 -21.89 12.98
C LEU A 244 -7.34 -20.42 12.99
N ARG A 245 -6.44 -19.56 13.48
CA ARG A 245 -6.71 -18.14 13.51
C ARG A 245 -5.67 -17.36 12.71
N GLY A 246 -4.86 -18.07 11.91
CA GLY A 246 -3.68 -17.52 11.29
C GLY A 246 -3.65 -17.86 9.81
N PRO A 247 -2.69 -17.31 9.05
CA PRO A 247 -2.49 -17.70 7.67
C PRO A 247 -2.10 -19.17 7.55
N ILE A 248 -2.43 -19.75 6.39
CA ILE A 248 -2.11 -21.13 6.06
C ILE A 248 -0.67 -21.16 5.55
N PRO A 249 0.20 -22.07 6.04
CA PRO A 249 1.53 -22.23 5.43
C PRO A 249 1.44 -22.44 3.92
N ALA A 250 2.23 -21.64 3.12
CA ALA A 250 2.02 -21.48 1.68
C ALA A 250 2.27 -22.74 0.84
N HIS A 251 2.76 -23.82 1.46
CA HIS A 251 3.23 -25.00 0.76
C HIS A 251 2.28 -26.20 0.91
N LEU A 252 1.15 -26.03 1.62
CA LEU A 252 0.27 -27.14 1.90
C LEU A 252 -0.98 -27.25 0.99
N LEU A 253 -1.05 -26.49 -0.12
CA LEU A 253 -2.32 -26.33 -0.81
C LEU A 253 -2.30 -26.95 -2.21
N GLY A 254 -1.25 -27.69 -2.56
CA GLY A 254 -1.31 -28.53 -3.76
C GLY A 254 -0.57 -27.91 -4.95
N ASP A 255 -0.09 -26.69 -4.76
CA ASP A 255 0.42 -25.87 -5.85
C ASP A 255 1.56 -25.00 -5.30
N MET A 256 2.64 -24.86 -6.08
CA MET A 256 3.83 -24.12 -5.67
C MET A 256 3.49 -22.68 -5.21
N TRP A 257 2.45 -22.08 -5.78
CA TRP A 257 2.10 -20.70 -5.49
C TRP A 257 0.82 -20.60 -4.67
N ALA A 258 0.32 -21.72 -4.14
CA ALA A 258 -0.98 -21.75 -3.48
C ALA A 258 -2.07 -21.00 -4.27
N GLN A 259 -1.97 -21.02 -5.61
CA GLN A 259 -2.87 -20.21 -6.42
C GLN A 259 -4.13 -20.99 -6.81
N SER A 260 -4.03 -22.32 -6.75
CA SER A 260 -5.12 -23.21 -7.06
C SER A 260 -5.06 -24.41 -6.12
N TRP A 261 -6.18 -24.79 -5.51
CA TRP A 261 -6.18 -25.76 -4.44
C TRP A 261 -6.90 -27.05 -4.84
N GLU A 262 -7.00 -27.36 -6.14
CA GLU A 262 -7.77 -28.50 -6.57
C GLU A 262 -7.11 -29.78 -6.05
N ASN A 263 -5.76 -29.83 -5.95
CA ASN A 263 -5.08 -31.08 -5.64
C ASN A 263 -5.26 -31.53 -4.20
N ILE A 264 -5.80 -30.67 -3.31
CA ILE A 264 -6.13 -31.13 -1.98
C ILE A 264 -7.62 -31.48 -1.85
N TYR A 265 -8.31 -31.57 -3.00
CA TYR A 265 -9.71 -31.94 -3.04
C TYR A 265 -9.98 -33.16 -2.15
N ASP A 266 -9.04 -34.11 -2.11
CA ASP A 266 -9.28 -35.34 -1.36
C ASP A 266 -9.39 -35.08 0.15
N MET A 267 -8.82 -33.98 0.66
CA MET A 267 -8.94 -33.72 2.09
C MET A 267 -10.19 -32.93 2.41
N VAL A 268 -10.82 -32.31 1.42
CA VAL A 268 -11.97 -31.48 1.74
C VAL A 268 -13.29 -32.07 1.26
N VAL A 269 -13.29 -32.97 0.28
CA VAL A 269 -14.54 -33.42 -0.30
C VAL A 269 -15.50 -33.82 0.82
N PRO A 270 -16.71 -33.22 0.92
CA PRO A 270 -17.70 -33.59 1.94
C PRO A 270 -18.51 -34.90 1.82
N PHE A 271 -18.68 -35.42 0.61
CA PHE A 271 -19.50 -36.60 0.39
C PHE A 271 -18.68 -37.53 -0.50
N PRO A 272 -17.63 -38.16 0.10
CA PRO A 272 -16.80 -39.16 -0.58
C PRO A 272 -17.49 -40.38 -1.18
N ASP A 273 -18.78 -40.63 -0.94
CA ASP A 273 -19.47 -41.76 -1.58
C ASP A 273 -20.14 -41.38 -2.91
N LYS A 274 -20.02 -40.12 -3.35
CA LYS A 274 -20.59 -39.75 -4.64
C LYS A 274 -19.54 -39.99 -5.71
N PRO A 275 -19.92 -39.97 -7.02
CA PRO A 275 -18.91 -40.02 -8.09
C PRO A 275 -17.67 -39.18 -7.76
N ASN A 276 -16.51 -39.81 -7.83
CA ASN A 276 -15.24 -39.18 -7.59
C ASN A 276 -14.89 -38.25 -8.76
N LEU A 277 -14.81 -36.95 -8.51
CA LEU A 277 -14.73 -35.91 -9.54
C LEU A 277 -13.30 -35.58 -9.93
N ASP A 278 -12.33 -36.21 -9.25
CA ASP A 278 -10.98 -36.33 -9.75
C ASP A 278 -10.90 -37.56 -10.65
N VAL A 279 -10.95 -37.35 -11.96
CA VAL A 279 -10.87 -38.44 -12.93
C VAL A 279 -9.42 -38.74 -13.33
N THR A 280 -8.43 -38.25 -12.57
CA THR A 280 -7.04 -38.38 -12.99
C THR A 280 -6.72 -39.86 -13.08
N SER A 281 -7.07 -40.62 -12.04
CA SER A 281 -6.75 -42.04 -12.04
C SER A 281 -7.50 -42.78 -13.16
N THR A 282 -8.73 -42.37 -13.50
CA THR A 282 -9.43 -42.95 -14.63
C THR A 282 -8.63 -42.70 -15.92
N MET A 283 -8.20 -41.44 -16.14
CA MET A 283 -7.39 -41.10 -17.29
C MET A 283 -6.15 -41.98 -17.34
N LEU A 284 -5.46 -42.16 -16.20
CA LEU A 284 -4.29 -43.02 -16.16
C LEU A 284 -4.65 -44.48 -16.39
N GLN A 285 -5.66 -44.99 -15.70
CA GLN A 285 -6.18 -46.36 -15.90
C GLN A 285 -6.54 -46.65 -17.36
N GLN A 286 -7.07 -45.65 -18.07
CA GLN A 286 -7.52 -45.80 -19.44
C GLN A 286 -6.41 -45.55 -20.45
N GLY A 287 -5.25 -45.08 -19.99
CA GLY A 287 -4.13 -44.92 -20.91
C GLY A 287 -4.22 -43.64 -21.74
N TRP A 288 -4.68 -42.52 -21.14
CA TRP A 288 -4.63 -41.27 -21.86
C TRP A 288 -3.18 -40.82 -21.98
N GLN A 289 -2.89 -40.23 -23.12
CA GLN A 289 -1.65 -39.57 -23.41
C GLN A 289 -2.01 -38.16 -23.80
N ALA A 290 -0.97 -37.36 -24.02
CA ALA A 290 -1.13 -35.96 -24.33
C ALA A 290 -2.00 -35.80 -25.58
N THR A 291 -1.67 -36.54 -26.65
CA THR A 291 -2.41 -36.45 -27.90
C THR A 291 -3.89 -36.49 -27.60
N HIS A 292 -4.30 -37.46 -26.80
CA HIS A 292 -5.71 -37.69 -26.56
C HIS A 292 -6.34 -36.43 -25.97
N MET A 293 -5.61 -35.83 -25.02
CA MET A 293 -6.14 -34.70 -24.31
C MET A 293 -6.42 -33.57 -25.31
N PHE A 294 -5.48 -33.32 -26.25
CA PHE A 294 -5.59 -32.22 -27.21
C PHE A 294 -6.69 -32.52 -28.24
N ARG A 295 -6.84 -33.82 -28.56
CA ARG A 295 -7.90 -34.24 -29.44
C ARG A 295 -9.27 -34.01 -28.80
N VAL A 296 -9.38 -34.20 -27.48
CA VAL A 296 -10.69 -34.16 -26.84
C VAL A 296 -11.08 -32.70 -26.68
N ALA A 297 -10.09 -31.87 -26.47
CA ALA A 297 -10.34 -30.42 -26.46
C ALA A 297 -10.78 -29.97 -27.84
N GLU A 298 -9.99 -30.33 -28.86
CA GLU A 298 -10.31 -29.98 -30.22
C GLU A 298 -11.76 -30.34 -30.55
N GLU A 299 -12.17 -31.52 -30.14
CA GLU A 299 -13.46 -32.02 -30.58
C GLU A 299 -14.54 -31.20 -29.90
N PHE A 300 -14.31 -30.79 -28.63
CA PHE A 300 -15.23 -29.87 -27.99
C PHE A 300 -15.42 -28.64 -28.89
N PHE A 301 -14.32 -28.10 -29.42
CA PHE A 301 -14.35 -26.84 -30.13
C PHE A 301 -15.16 -27.01 -31.39
N THR A 302 -14.88 -28.12 -32.13
CA THR A 302 -15.51 -28.34 -33.40
C THR A 302 -16.99 -28.67 -33.15
N SER A 303 -17.38 -29.16 -31.96
CA SER A 303 -18.79 -29.40 -31.66
C SER A 303 -19.60 -28.09 -31.65
N LEU A 304 -18.90 -26.96 -31.40
CA LEU A 304 -19.47 -25.62 -31.42
C LEU A 304 -19.42 -24.98 -32.81
N GLU A 305 -18.90 -25.70 -33.81
CA GLU A 305 -18.66 -25.15 -35.13
C GLU A 305 -17.53 -24.12 -35.06
N LEU A 306 -16.62 -24.28 -34.11
CA LEU A 306 -15.38 -23.55 -34.21
C LEU A 306 -14.37 -24.38 -35.00
N SER A 307 -13.24 -23.78 -35.32
N SER A 307 -13.24 -23.77 -35.33
CA SER A 307 -12.26 -24.38 -36.19
CA SER A 307 -12.26 -24.39 -36.20
C SER A 307 -11.47 -25.49 -35.49
C SER A 307 -11.47 -25.49 -35.50
N PRO A 308 -11.14 -26.57 -36.22
CA PRO A 308 -10.16 -27.54 -35.75
C PRO A 308 -8.75 -27.00 -35.79
N MET A 309 -7.86 -27.70 -35.08
CA MET A 309 -6.45 -27.39 -35.16
C MET A 309 -5.97 -27.74 -36.55
N PRO A 310 -5.23 -26.86 -37.24
CA PRO A 310 -4.75 -27.19 -38.58
C PRO A 310 -3.55 -28.16 -38.56
N PRO A 311 -3.19 -28.73 -39.72
CA PRO A 311 -2.04 -29.63 -39.80
C PRO A 311 -0.80 -29.08 -39.14
N GLU A 312 -0.53 -27.81 -39.41
CA GLU A 312 0.67 -27.16 -38.91
C GLU A 312 0.73 -27.23 -37.38
N PHE A 313 -0.43 -27.13 -36.72
CA PHE A 313 -0.50 -27.27 -35.27
C PHE A 313 -0.04 -28.66 -34.80
N TRP A 314 -0.49 -29.75 -35.48
CA TRP A 314 -0.13 -31.09 -35.00
C TRP A 314 1.31 -31.42 -35.37
N GLU A 315 1.82 -30.86 -36.45
CA GLU A 315 3.12 -31.21 -36.98
C GLU A 315 4.17 -30.36 -36.25
N GLY A 316 3.75 -29.21 -35.69
CA GLY A 316 4.69 -28.23 -35.09
C GLY A 316 4.69 -28.21 -33.56
N SER A 317 3.60 -28.61 -32.90
CA SER A 317 3.49 -28.30 -31.49
C SER A 317 4.46 -29.19 -30.72
N MET A 318 4.75 -28.80 -29.49
CA MET A 318 5.45 -29.64 -28.54
C MET A 318 4.47 -29.91 -27.41
N LEU A 319 3.89 -31.11 -27.40
CA LEU A 319 2.76 -31.41 -26.54
C LEU A 319 3.19 -32.32 -25.40
N GLU A 320 4.50 -32.64 -25.40
CA GLU A 320 5.15 -33.42 -24.37
C GLU A 320 6.54 -32.86 -24.07
N LYS A 321 6.99 -33.05 -22.82
CA LYS A 321 8.37 -32.76 -22.48
C LYS A 321 9.30 -33.68 -23.26
N PRO A 322 10.28 -33.14 -24.03
CA PRO A 322 11.24 -33.97 -24.72
C PRO A 322 12.06 -34.86 -23.79
N ALA A 323 12.38 -36.08 -24.20
CA ALA A 323 13.16 -36.98 -23.36
C ALA A 323 14.63 -37.02 -23.81
N ASP A 324 14.91 -36.31 -24.91
CA ASP A 324 16.17 -36.37 -25.62
C ASP A 324 17.23 -35.54 -24.89
N GLY A 325 16.97 -35.15 -23.62
CA GLY A 325 17.84 -34.24 -22.90
C GLY A 325 17.98 -32.88 -23.61
N ARG A 326 16.88 -32.19 -23.76
CA ARG A 326 16.84 -30.80 -24.16
C ARG A 326 16.28 -30.04 -22.97
N GLU A 327 16.77 -28.82 -22.80
CA GLU A 327 16.10 -27.90 -21.90
C GLU A 327 14.99 -27.23 -22.68
N VAL A 328 13.82 -27.15 -22.05
CA VAL A 328 12.68 -26.47 -22.62
C VAL A 328 12.07 -25.61 -21.54
N VAL A 329 11.32 -24.61 -21.98
CA VAL A 329 10.36 -23.92 -21.15
C VAL A 329 9.13 -24.82 -21.09
N CYS A 330 8.82 -25.32 -19.90
CA CYS A 330 7.72 -26.24 -19.76
C CYS A 330 6.43 -25.50 -19.60
N HIS A 331 6.47 -24.27 -19.11
CA HIS A 331 5.24 -23.58 -18.74
C HIS A 331 4.36 -23.52 -19.99
N ALA A 332 3.12 -23.97 -19.91
CA ALA A 332 2.26 -24.11 -21.09
C ALA A 332 2.04 -22.77 -21.79
N SER A 333 2.14 -22.79 -23.13
CA SER A 333 1.86 -21.56 -23.88
C SER A 333 1.34 -21.87 -25.28
N ALA A 334 0.54 -20.89 -25.77
CA ALA A 334 -0.08 -20.93 -27.10
C ALA A 334 0.53 -19.86 -27.99
N TRP A 335 0.90 -20.24 -29.21
CA TRP A 335 1.74 -19.45 -30.08
C TRP A 335 1.10 -19.12 -31.43
N ASP A 336 1.14 -17.81 -31.75
CA ASP A 336 0.78 -17.30 -33.06
C ASP A 336 2.04 -16.80 -33.77
N PHE A 337 2.33 -17.37 -34.93
CA PHE A 337 3.50 -16.96 -35.66
C PHE A 337 3.24 -15.80 -36.62
N TYR A 338 2.02 -15.27 -36.66
CA TYR A 338 1.70 -14.06 -37.42
C TYR A 338 1.92 -14.23 -38.92
N ASN A 339 1.87 -15.47 -39.41
CA ASN A 339 1.95 -15.78 -40.84
C ASN A 339 0.59 -16.33 -41.31
N ARG A 340 -0.41 -16.34 -40.44
CA ARG A 340 -1.76 -16.77 -40.78
C ARG A 340 -1.86 -18.28 -41.02
N LYS A 341 -0.86 -19.05 -40.62
CA LYS A 341 -0.67 -20.42 -41.05
C LYS A 341 -0.16 -21.30 -39.90
N ASP A 342 0.95 -20.90 -39.29
CA ASP A 342 1.51 -21.55 -38.12
C ASP A 342 0.91 -21.06 -36.79
N PHE A 343 0.35 -22.03 -36.06
CA PHE A 343 -0.12 -21.90 -34.70
C PHE A 343 0.30 -23.15 -33.94
N ARG A 344 0.85 -23.02 -32.73
CA ARG A 344 1.40 -24.16 -32.02
C ARG A 344 1.19 -24.04 -30.51
N ILE A 345 1.05 -25.18 -29.83
CA ILE A 345 1.13 -25.17 -28.37
C ILE A 345 2.45 -25.84 -27.95
N LYS A 346 3.06 -25.25 -26.91
CA LYS A 346 4.23 -25.81 -26.27
C LYS A 346 3.83 -26.07 -24.83
N GLN A 347 3.78 -27.36 -24.48
CA GLN A 347 3.27 -27.79 -23.18
C GLN A 347 3.94 -29.11 -22.81
N CYS A 348 4.45 -29.18 -21.59
CA CYS A 348 4.97 -30.42 -21.03
C CYS A 348 3.80 -31.12 -20.36
N THR A 349 2.80 -31.43 -21.20
CA THR A 349 1.55 -32.06 -20.79
C THR A 349 1.82 -33.28 -19.92
N ARG A 350 1.16 -33.25 -18.76
CA ARG A 350 1.00 -34.42 -17.91
C ARG A 350 -0.44 -34.94 -17.97
N VAL A 351 -0.61 -36.22 -17.69
CA VAL A 351 -1.93 -36.82 -17.75
C VAL A 351 -2.59 -36.74 -16.38
N THR A 352 -3.25 -35.59 -16.11
CA THR A 352 -4.04 -35.34 -14.91
C THR A 352 -5.27 -34.52 -15.30
N MET A 353 -6.23 -34.41 -14.40
CA MET A 353 -7.44 -33.69 -14.76
C MET A 353 -7.15 -32.22 -14.90
N ASP A 354 -6.26 -31.63 -14.10
CA ASP A 354 -6.06 -30.19 -14.17
C ASP A 354 -5.31 -29.80 -15.44
N GLN A 355 -4.36 -30.61 -15.90
CA GLN A 355 -3.77 -30.45 -17.21
C GLN A 355 -4.78 -30.57 -18.35
N LEU A 356 -5.85 -31.35 -18.16
CA LEU A 356 -6.92 -31.33 -19.14
C LEU A 356 -7.48 -29.91 -19.24
N SER A 357 -7.67 -29.21 -18.14
CA SER A 357 -8.10 -27.82 -18.18
C SER A 357 -7.10 -26.91 -18.88
N THR A 358 -5.82 -27.08 -18.53
CA THR A 358 -4.72 -26.32 -19.11
C THR A 358 -4.71 -26.47 -20.62
N VAL A 359 -4.80 -27.68 -21.06
CA VAL A 359 -4.93 -27.97 -22.49
C VAL A 359 -6.05 -27.12 -23.12
N HIS A 360 -7.21 -27.12 -22.49
CA HIS A 360 -8.35 -26.37 -23.00
C HIS A 360 -8.02 -24.89 -22.97
N HIS A 361 -7.32 -24.44 -21.90
CA HIS A 361 -6.94 -23.04 -21.73
C HIS A 361 -6.14 -22.62 -22.95
N GLU A 362 -5.09 -23.40 -23.21
CA GLU A 362 -4.13 -23.09 -24.25
C GLU A 362 -4.83 -23.21 -25.62
N MET A 363 -5.68 -24.22 -25.79
CA MET A 363 -6.45 -24.30 -27.02
C MET A 363 -7.43 -23.11 -27.16
N GLY A 364 -7.89 -22.47 -26.06
CA GLY A 364 -8.69 -21.27 -26.21
C GLY A 364 -7.91 -20.21 -27.00
N HIS A 365 -6.61 -20.14 -26.75
CA HIS A 365 -5.77 -19.09 -27.30
C HIS A 365 -5.62 -19.41 -28.79
N ILE A 366 -5.34 -20.68 -29.08
CA ILE A 366 -5.16 -21.08 -30.45
C ILE A 366 -6.43 -20.72 -31.20
N GLN A 367 -7.57 -20.96 -30.59
CA GLN A 367 -8.82 -20.79 -31.32
C GLN A 367 -9.03 -19.31 -31.64
N TYR A 368 -8.72 -18.44 -30.65
CA TYR A 368 -8.72 -17.00 -30.89
C TYR A 368 -7.83 -16.64 -32.08
N TYR A 369 -6.60 -17.19 -32.09
CA TYR A 369 -5.63 -16.92 -33.15
C TYR A 369 -6.22 -17.28 -34.50
N LEU A 370 -6.95 -18.40 -34.53
CA LEU A 370 -7.48 -18.94 -35.77
C LEU A 370 -8.59 -18.03 -36.30
N GLN A 371 -9.42 -17.51 -35.39
CA GLN A 371 -10.60 -16.78 -35.83
C GLN A 371 -10.22 -15.39 -36.33
N TYR A 372 -9.15 -14.79 -35.78
CA TYR A 372 -8.88 -13.38 -36.05
C TYR A 372 -7.65 -13.22 -36.93
N LYS A 373 -7.21 -14.33 -37.55
CA LYS A 373 -5.97 -14.33 -38.30
C LYS A 373 -6.07 -13.48 -39.57
N ASP A 374 -7.28 -13.15 -40.03
CA ASP A 374 -7.46 -12.29 -41.18
C ASP A 374 -7.55 -10.80 -40.80
N LEU A 375 -7.46 -10.46 -39.54
CA LEU A 375 -7.38 -9.06 -39.12
C LEU A 375 -5.96 -8.57 -39.37
N PRO A 376 -5.77 -7.24 -39.55
CA PRO A 376 -4.45 -6.61 -39.45
C PRO A 376 -3.69 -7.01 -38.20
N VAL A 377 -2.36 -7.24 -38.31
CA VAL A 377 -1.59 -7.77 -37.20
C VAL A 377 -1.90 -7.02 -35.89
N SER A 378 -2.04 -5.69 -35.90
CA SER A 378 -2.25 -4.89 -34.70
C SER A 378 -3.53 -5.29 -33.96
N LEU A 379 -4.53 -5.78 -34.71
CA LEU A 379 -5.81 -6.14 -34.14
C LEU A 379 -5.86 -7.61 -33.72
N ARG A 380 -4.73 -8.32 -33.84
CA ARG A 380 -4.70 -9.74 -33.59
C ARG A 380 -4.37 -9.96 -32.13
N ARG A 381 -5.37 -9.63 -31.31
CA ARG A 381 -5.26 -9.77 -29.87
C ARG A 381 -6.69 -9.78 -29.31
N GLY A 382 -6.82 -10.08 -28.03
CA GLY A 382 -8.14 -10.16 -27.44
C GLY A 382 -8.76 -8.78 -27.34
N ALA A 383 -10.08 -8.71 -27.10
CA ALA A 383 -10.76 -7.43 -26.98
C ALA A 383 -10.12 -6.67 -25.82
N ASN A 384 -9.75 -7.43 -24.80
CA ASN A 384 -8.69 -7.10 -23.85
C ASN A 384 -7.95 -8.37 -23.44
N PRO A 385 -6.76 -8.33 -22.84
CA PRO A 385 -6.06 -9.57 -22.52
C PRO A 385 -6.89 -10.54 -21.68
N GLY A 386 -7.81 -10.00 -20.85
CA GLY A 386 -8.74 -10.84 -20.10
C GLY A 386 -9.63 -11.75 -20.97
N PHE A 387 -10.12 -11.24 -22.12
CA PHE A 387 -10.89 -12.03 -23.07
C PHE A 387 -10.11 -13.26 -23.53
N HIS A 388 -8.84 -13.06 -23.85
CA HIS A 388 -8.04 -14.11 -24.43
C HIS A 388 -7.88 -15.23 -23.42
N GLU A 389 -7.72 -14.86 -22.16
CA GLU A 389 -7.48 -15.84 -21.11
C GLU A 389 -8.75 -16.63 -20.77
N ALA A 390 -9.92 -16.09 -21.08
CA ALA A 390 -11.16 -16.70 -20.61
C ALA A 390 -11.75 -17.77 -21.57
N ILE A 391 -11.33 -17.82 -22.84
CA ILE A 391 -11.99 -18.60 -23.87
C ILE A 391 -11.95 -20.11 -23.53
N GLY A 392 -10.73 -20.61 -23.26
CA GLY A 392 -10.52 -22.02 -22.98
C GLY A 392 -11.19 -22.46 -21.68
N ASP A 393 -11.09 -21.57 -20.70
CA ASP A 393 -11.67 -21.73 -19.39
C ASP A 393 -13.18 -21.83 -19.49
N VAL A 394 -13.82 -21.07 -20.40
CA VAL A 394 -15.26 -21.20 -20.55
C VAL A 394 -15.65 -22.63 -20.96
N LEU A 395 -14.96 -23.14 -21.97
CA LEU A 395 -15.23 -24.50 -22.42
C LEU A 395 -15.00 -25.45 -21.27
N ALA A 396 -13.89 -25.24 -20.50
CA ALA A 396 -13.47 -26.19 -19.49
C ALA A 396 -14.53 -26.29 -18.39
N LEU A 397 -15.31 -25.24 -18.19
CA LEU A 397 -16.42 -25.28 -17.25
C LEU A 397 -17.49 -26.31 -17.63
N SER A 398 -17.76 -26.40 -18.91
CA SER A 398 -18.66 -27.42 -19.45
C SER A 398 -18.03 -28.80 -19.34
N VAL A 399 -16.72 -28.92 -19.60
CA VAL A 399 -16.01 -30.20 -19.64
C VAL A 399 -16.00 -30.83 -18.25
N SER A 400 -15.79 -30.02 -17.19
CA SER A 400 -15.68 -30.53 -15.82
C SER A 400 -17.01 -31.01 -15.27
N THR A 401 -18.14 -30.56 -15.83
CA THR A 401 -19.43 -30.99 -15.28
C THR A 401 -19.45 -32.52 -15.25
N PRO A 402 -19.96 -33.13 -14.15
CA PRO A 402 -20.23 -34.57 -14.14
C PRO A 402 -20.89 -35.15 -15.39
N GLU A 403 -21.95 -34.50 -15.92
CA GLU A 403 -22.63 -34.99 -17.12
C GLU A 403 -21.63 -35.21 -18.26
N HIS A 404 -20.77 -34.20 -18.47
CA HIS A 404 -19.91 -34.19 -19.63
C HIS A 404 -18.78 -35.21 -19.48
N LEU A 405 -18.19 -35.28 -18.29
CA LEU A 405 -17.20 -36.28 -17.92
C LEU A 405 -17.79 -37.66 -18.15
N HIS A 406 -19.05 -37.85 -17.80
CA HIS A 406 -19.67 -39.11 -18.07
C HIS A 406 -19.71 -39.35 -19.57
N LYS A 407 -19.94 -38.29 -20.37
CA LYS A 407 -20.20 -38.51 -21.77
C LYS A 407 -18.87 -38.80 -22.45
N ILE A 408 -17.75 -38.35 -21.91
CA ILE A 408 -16.45 -38.64 -22.52
C ILE A 408 -15.81 -39.84 -21.81
N GLY A 409 -16.61 -40.55 -21.01
CA GLY A 409 -16.27 -41.84 -20.43
C GLY A 409 -15.25 -41.81 -19.30
N LEU A 410 -15.21 -40.72 -18.51
CA LEU A 410 -14.29 -40.55 -17.39
C LEU A 410 -15.03 -40.62 -16.05
N LEU A 411 -16.36 -40.80 -16.14
CA LEU A 411 -17.14 -40.97 -14.94
C LEU A 411 -18.22 -42.00 -15.22
N ASP A 412 -18.18 -43.07 -14.43
CA ASP A 412 -18.93 -44.29 -14.72
C ASP A 412 -20.41 -44.03 -14.50
N ARG A 413 -20.79 -43.18 -13.56
CA ARG A 413 -22.18 -42.80 -13.42
C ARG A 413 -22.31 -41.30 -13.16
N VAL A 414 -23.56 -40.83 -13.20
CA VAL A 414 -23.90 -39.45 -12.96
C VAL A 414 -25.04 -39.40 -11.96
N THR A 415 -24.80 -38.75 -10.82
CA THR A 415 -25.83 -38.33 -9.89
C THR A 415 -26.34 -36.92 -10.24
N ASN A 416 -27.60 -36.59 -9.89
CA ASN A 416 -28.04 -35.21 -9.85
C ASN A 416 -28.70 -34.95 -8.52
N ASP A 417 -27.90 -34.85 -7.45
CA ASP A 417 -28.38 -34.61 -6.10
C ASP A 417 -27.55 -33.47 -5.54
N THR A 418 -28.01 -32.91 -4.42
CA THR A 418 -27.31 -31.75 -3.88
C THR A 418 -25.96 -32.18 -3.29
N GLU A 419 -25.78 -33.41 -2.81
CA GLU A 419 -24.48 -33.76 -2.22
C GLU A 419 -23.42 -33.71 -3.31
N SER A 420 -23.81 -34.19 -4.50
CA SER A 420 -22.96 -34.16 -5.70
C SER A 420 -22.66 -32.74 -6.13
N ASP A 421 -23.70 -31.86 -6.10
CA ASP A 421 -23.59 -30.47 -6.50
C ASP A 421 -22.53 -29.75 -5.66
N ILE A 422 -22.53 -30.02 -4.35
CA ILE A 422 -21.63 -29.39 -3.37
C ILE A 422 -20.20 -29.91 -3.59
N ASN A 423 -20.07 -31.23 -3.74
CA ASN A 423 -18.79 -31.79 -4.10
C ASN A 423 -18.23 -31.05 -5.31
N TYR A 424 -19.12 -30.75 -6.26
CA TYR A 424 -18.66 -30.32 -7.57
C TYR A 424 -18.24 -28.87 -7.41
N LEU A 425 -19.13 -28.09 -6.78
CA LEU A 425 -18.94 -26.66 -6.60
C LEU A 425 -17.75 -26.40 -5.69
N LEU A 426 -17.47 -27.32 -4.79
CA LEU A 426 -16.34 -27.17 -3.90
C LEU A 426 -15.05 -27.35 -4.68
N LYS A 427 -15.02 -28.43 -5.45
CA LYS A 427 -13.90 -28.66 -6.34
C LYS A 427 -13.60 -27.45 -7.22
N MET A 428 -14.65 -26.87 -7.82
CA MET A 428 -14.56 -25.75 -8.73
C MET A 428 -14.14 -24.48 -7.99
N ALA A 429 -14.57 -24.39 -6.74
CA ALA A 429 -14.15 -23.31 -5.88
C ALA A 429 -12.67 -23.44 -5.57
N LEU A 430 -12.15 -24.66 -5.32
CA LEU A 430 -10.73 -24.86 -5.07
C LEU A 430 -9.92 -24.36 -6.26
N GLU A 431 -10.54 -24.41 -7.45
CA GLU A 431 -9.83 -24.10 -8.68
C GLU A 431 -9.95 -22.60 -8.98
N LYS A 432 -11.17 -22.07 -8.77
CA LYS A 432 -11.56 -20.76 -9.28
C LYS A 432 -11.57 -19.71 -8.18
N ILE A 433 -12.19 -20.00 -7.03
CA ILE A 433 -12.30 -19.03 -5.96
C ILE A 433 -10.96 -18.83 -5.25
N ALA A 434 -10.26 -19.92 -4.92
CA ALA A 434 -8.96 -19.83 -4.31
C ALA A 434 -7.95 -19.04 -5.15
N PHE A 435 -8.08 -19.06 -6.46
CA PHE A 435 -7.17 -18.33 -7.33
C PHE A 435 -7.43 -16.82 -7.24
N LEU A 436 -8.68 -16.41 -6.97
CA LEU A 436 -9.05 -15.01 -7.08
C LEU A 436 -8.05 -14.09 -6.36
N PRO A 437 -7.74 -14.25 -5.06
CA PRO A 437 -6.78 -13.35 -4.40
C PRO A 437 -5.45 -13.26 -5.14
N PHE A 438 -4.97 -14.40 -5.65
CA PHE A 438 -3.66 -14.37 -6.31
C PHE A 438 -3.70 -13.63 -7.64
N GLY A 439 -4.73 -13.88 -8.47
CA GLY A 439 -4.94 -13.13 -9.70
C GLY A 439 -4.91 -11.60 -9.46
N TYR A 440 -5.47 -11.16 -8.34
CA TYR A 440 -5.54 -9.74 -8.00
C TYR A 440 -4.17 -9.24 -7.52
N LEU A 441 -3.51 -10.02 -6.66
CA LEU A 441 -2.36 -9.51 -5.92
C LEU A 441 -1.10 -9.37 -6.79
N VAL A 442 -0.91 -10.19 -7.83
CA VAL A 442 0.38 -10.25 -8.50
C VAL A 442 0.74 -8.93 -9.16
N ASP A 443 -0.20 -8.32 -9.88
CA ASP A 443 0.08 -7.08 -10.58
C ASP A 443 0.00 -5.90 -9.61
N GLN A 444 -0.66 -6.05 -8.48
CA GLN A 444 -0.55 -5.06 -7.44
C GLN A 444 0.91 -4.96 -7.02
N TRP A 445 1.55 -6.13 -6.82
CA TRP A 445 2.95 -6.11 -6.50
C TRP A 445 3.76 -5.46 -7.59
N ARG A 446 3.46 -5.80 -8.85
CA ARG A 446 4.27 -5.30 -9.97
C ARG A 446 4.04 -3.82 -10.28
N TRP A 447 2.79 -3.33 -10.17
CA TRP A 447 2.51 -1.91 -10.31
C TRP A 447 3.30 -1.07 -9.31
N GLY A 448 3.35 -1.58 -8.06
CA GLY A 448 4.14 -1.01 -6.97
C GLY A 448 5.63 -0.92 -7.33
N VAL A 449 6.16 -1.98 -7.93
CA VAL A 449 7.55 -2.03 -8.30
C VAL A 449 7.81 -1.05 -9.42
N PHE A 450 6.98 -1.07 -10.46
CA PHE A 450 7.15 -0.15 -11.57
C PHE A 450 7.02 1.31 -11.12
N SER A 451 6.10 1.60 -10.21
CA SER A 451 5.89 2.98 -9.80
C SER A 451 6.97 3.45 -8.84
N GLY A 452 7.78 2.56 -8.25
CA GLY A 452 8.76 3.01 -7.28
C GLY A 452 8.30 2.93 -5.82
N ARG A 453 7.01 2.79 -5.52
CA ARG A 453 6.54 2.47 -4.19
C ARG A 453 7.33 1.28 -3.63
N THR A 454 7.61 0.23 -4.42
CA THR A 454 8.34 -0.94 -3.93
C THR A 454 9.73 -0.96 -4.59
N PRO A 455 10.76 -0.41 -3.92
CA PRO A 455 12.12 -0.56 -4.39
C PRO A 455 12.64 -1.97 -4.14
N PRO A 456 13.80 -2.29 -4.76
CA PRO A 456 14.47 -3.59 -4.58
C PRO A 456 14.56 -4.06 -3.14
N SER A 457 14.72 -3.11 -2.23
CA SER A 457 14.96 -3.39 -0.83
C SER A 457 13.68 -3.83 -0.13
N ARG A 458 12.54 -3.78 -0.85
CA ARG A 458 11.27 -4.22 -0.27
C ARG A 458 10.52 -5.15 -1.21
N TYR A 459 11.19 -5.71 -2.21
CA TYR A 459 10.55 -6.57 -3.18
C TYR A 459 9.86 -7.72 -2.43
N ASN A 460 10.55 -8.33 -1.46
CA ASN A 460 10.03 -9.54 -0.85
C ASN A 460 9.13 -9.17 0.30
N PHE A 461 9.49 -8.13 1.06
CA PHE A 461 8.59 -7.58 2.08
C PHE A 461 7.20 -7.30 1.50
N ASP A 462 7.15 -6.58 0.40
CA ASP A 462 5.88 -6.15 -0.15
C ASP A 462 5.14 -7.31 -0.78
N TRP A 463 5.87 -8.31 -1.29
CA TRP A 463 5.25 -9.51 -1.86
C TRP A 463 4.47 -10.26 -0.78
N TRP A 464 5.12 -10.53 0.34
CA TRP A 464 4.49 -11.33 1.38
C TRP A 464 3.41 -10.54 2.10
N TYR A 465 3.50 -9.21 2.07
CA TYR A 465 2.45 -8.39 2.63
C TYR A 465 1.16 -8.70 1.85
N LEU A 466 1.27 -8.66 0.50
CA LEU A 466 0.19 -8.88 -0.45
C LEU A 466 -0.29 -10.32 -0.37
N ARG A 467 0.63 -11.27 -0.26
CA ARG A 467 0.29 -12.69 -0.12
C ARG A 467 -0.58 -12.91 1.11
N THR A 468 -0.10 -12.45 2.28
CA THR A 468 -0.87 -12.60 3.52
C THR A 468 -2.17 -11.80 3.43
N LYS A 469 -2.14 -10.59 2.90
CA LYS A 469 -3.31 -9.73 2.90
C LYS A 469 -4.46 -10.33 2.07
N TYR A 470 -4.18 -10.79 0.86
CA TYR A 470 -5.20 -11.32 -0.02
C TYR A 470 -5.47 -12.82 0.23
N GLN A 471 -4.39 -13.63 0.18
CA GLN A 471 -4.52 -15.07 0.20
C GLN A 471 -4.58 -15.65 1.60
N GLY A 472 -4.07 -14.93 2.60
CA GLY A 472 -4.09 -15.46 3.95
C GLY A 472 -3.16 -16.66 4.09
N ILE A 473 -1.97 -16.55 3.47
CA ILE A 473 -0.90 -17.51 3.64
C ILE A 473 0.34 -16.80 4.18
N CYS A 474 1.23 -17.59 4.77
CA CYS A 474 2.50 -17.15 5.30
C CYS A 474 3.58 -18.06 4.74
N PRO A 475 4.83 -17.58 4.59
CA PRO A 475 5.94 -18.45 4.23
C PRO A 475 6.18 -19.45 5.34
N PRO A 476 6.49 -20.71 5.01
CA PRO A 476 6.73 -21.76 6.01
C PRO A 476 8.14 -21.76 6.64
N VAL A 477 9.03 -20.93 6.07
CA VAL A 477 10.33 -20.58 6.61
C VAL A 477 10.49 -19.09 6.41
N THR A 478 11.37 -18.50 7.22
CA THR A 478 11.67 -17.08 7.18
C THR A 478 12.22 -16.72 5.81
N ARG A 479 11.76 -15.57 5.32
CA ARG A 479 12.30 -15.02 4.09
C ARG A 479 12.88 -13.66 4.43
N ASN A 480 13.80 -13.17 3.63
CA ASN A 480 14.41 -11.87 3.84
C ASN A 480 14.66 -11.30 2.46
N GLU A 481 15.39 -10.20 2.34
CA GLU A 481 15.42 -9.54 1.06
C GLU A 481 16.49 -10.11 0.12
N THR A 482 17.33 -11.04 0.57
CA THR A 482 18.07 -11.85 -0.39
C THR A 482 17.09 -12.69 -1.23
N HIS A 483 15.99 -13.14 -0.63
CA HIS A 483 14.95 -13.85 -1.38
C HIS A 483 14.17 -12.94 -2.31
N PHE A 484 13.73 -13.54 -3.44
CA PHE A 484 12.93 -12.84 -4.42
C PHE A 484 11.82 -13.78 -4.89
N ASP A 485 10.83 -13.95 -4.01
CA ASP A 485 9.79 -14.94 -4.13
C ASP A 485 8.82 -14.61 -5.25
N ALA A 486 8.70 -13.32 -5.60
CA ALA A 486 7.89 -13.01 -6.77
C ALA A 486 8.50 -13.64 -8.04
N GLY A 487 9.83 -13.78 -8.07
CA GLY A 487 10.54 -14.21 -9.26
C GLY A 487 10.49 -15.73 -9.45
N ALA A 488 9.98 -16.44 -8.43
CA ALA A 488 9.78 -17.89 -8.56
C ALA A 488 8.42 -18.19 -9.17
N LYS A 489 7.67 -17.16 -9.59
CA LYS A 489 6.44 -17.33 -10.36
C LYS A 489 6.72 -16.95 -11.80
N PHE A 490 6.47 -17.85 -12.77
CA PHE A 490 6.86 -17.71 -14.15
C PHE A 490 6.62 -16.32 -14.74
N HIS A 491 5.40 -15.82 -14.61
CA HIS A 491 5.02 -14.57 -15.26
C HIS A 491 5.92 -13.38 -14.90
N VAL A 492 6.59 -13.43 -13.76
CA VAL A 492 7.34 -12.27 -13.32
C VAL A 492 8.63 -12.18 -14.14
N PRO A 493 9.56 -13.17 -14.15
CA PRO A 493 10.73 -13.09 -15.04
C PRO A 493 10.39 -13.10 -16.53
N ASN A 494 9.21 -13.61 -16.84
CA ASN A 494 8.78 -13.66 -18.22
C ASN A 494 8.13 -12.35 -18.64
N VAL A 495 7.85 -11.51 -17.69
CA VAL A 495 7.25 -10.21 -17.96
C VAL A 495 5.92 -10.43 -18.66
N THR A 496 5.05 -11.23 -18.05
CA THR A 496 3.71 -11.40 -18.58
C THR A 496 2.78 -10.82 -17.54
N PRO A 497 1.96 -9.81 -17.91
CA PRO A 497 0.95 -9.28 -17.03
C PRO A 497 0.02 -10.37 -16.48
N TYR A 498 -0.48 -10.12 -15.27
CA TYR A 498 -1.22 -11.10 -14.51
C TYR A 498 -2.67 -10.68 -14.26
N ILE A 499 -3.01 -9.37 -14.32
CA ILE A 499 -4.35 -8.95 -13.92
C ILE A 499 -5.41 -9.53 -14.89
N ARG A 500 -5.03 -9.79 -16.14
CA ARG A 500 -5.84 -10.51 -17.11
C ARG A 500 -6.46 -11.80 -16.55
N TYR A 501 -5.75 -12.51 -15.69
CA TYR A 501 -6.26 -13.74 -15.14
C TYR A 501 -7.35 -13.46 -14.13
N PHE A 502 -7.19 -12.42 -13.32
CA PHE A 502 -8.26 -12.06 -12.39
C PHE A 502 -9.50 -11.58 -13.16
N VAL A 503 -9.28 -10.83 -14.25
CA VAL A 503 -10.36 -10.42 -15.13
C VAL A 503 -11.00 -11.67 -15.75
N SER A 504 -10.15 -12.58 -16.23
CA SER A 504 -10.60 -13.80 -16.88
C SER A 504 -11.45 -14.63 -15.91
N PHE A 505 -11.11 -14.64 -14.63
CA PHE A 505 -11.72 -15.59 -13.73
C PHE A 505 -13.12 -15.10 -13.40
N VAL A 506 -13.38 -13.82 -13.63
CA VAL A 506 -14.72 -13.27 -13.45
C VAL A 506 -15.49 -13.37 -14.77
N LEU A 507 -14.80 -12.98 -15.86
CA LEU A 507 -15.36 -12.86 -17.21
C LEU A 507 -15.84 -14.23 -17.68
N GLN A 508 -15.13 -15.28 -17.26
CA GLN A 508 -15.46 -16.60 -17.74
C GLN A 508 -16.85 -17.04 -17.26
N PHE A 509 -17.26 -16.60 -16.06
CA PHE A 509 -18.60 -16.92 -15.58
C PHE A 509 -19.65 -16.07 -16.28
N GLN A 510 -19.24 -14.89 -16.76
CA GLN A 510 -20.16 -14.07 -17.49
C GLN A 510 -20.38 -14.73 -18.84
N PHE A 511 -19.30 -15.21 -19.45
CA PHE A 511 -19.39 -15.79 -20.78
C PHE A 511 -20.21 -17.08 -20.72
N HIS A 512 -19.91 -17.89 -19.70
CA HIS A 512 -20.60 -19.13 -19.44
C HIS A 512 -22.09 -18.87 -19.40
N GLU A 513 -22.53 -17.98 -18.52
CA GLU A 513 -23.95 -17.71 -18.37
C GLU A 513 -24.60 -17.28 -19.71
N ALA A 514 -23.90 -16.47 -20.51
CA ALA A 514 -24.46 -16.04 -21.78
C ALA A 514 -24.60 -17.22 -22.75
N LEU A 515 -23.52 -17.99 -22.94
CA LEU A 515 -23.51 -19.11 -23.87
C LEU A 515 -24.57 -20.15 -23.47
N CYS A 516 -24.72 -20.43 -22.17
CA CYS A 516 -25.71 -21.37 -21.69
C CYS A 516 -27.12 -20.91 -21.99
N LYS A 517 -27.39 -19.61 -21.78
CA LYS A 517 -28.68 -19.06 -22.11
C LYS A 517 -28.91 -19.22 -23.62
N GLU A 518 -27.86 -18.97 -24.40
CA GLU A 518 -27.90 -19.00 -25.86
C GLU A 518 -28.12 -20.43 -26.36
N ALA A 519 -27.60 -21.40 -25.60
CA ALA A 519 -27.70 -22.81 -25.96
C ALA A 519 -29.06 -23.38 -25.58
N GLY A 520 -29.93 -22.60 -24.93
CA GLY A 520 -31.24 -23.08 -24.53
C GLY A 520 -31.24 -23.74 -23.16
N TYR A 521 -30.17 -23.64 -22.37
CA TYR A 521 -30.05 -24.44 -21.16
C TYR A 521 -30.89 -23.78 -20.08
N GLU A 522 -31.80 -24.55 -19.45
CA GLU A 522 -32.83 -24.04 -18.53
C GLU A 522 -32.42 -24.24 -17.05
N GLY A 523 -31.44 -25.09 -16.71
CA GLY A 523 -31.16 -25.49 -15.33
C GLY A 523 -30.20 -24.59 -14.53
N PRO A 524 -29.63 -25.10 -13.40
CA PRO A 524 -28.59 -24.41 -12.67
C PRO A 524 -27.35 -24.18 -13.53
N LEU A 525 -26.79 -22.97 -13.46
CA LEU A 525 -25.62 -22.64 -14.25
C LEU A 525 -24.49 -23.67 -14.19
N HIS A 526 -24.25 -24.22 -13.00
CA HIS A 526 -23.03 -25.01 -12.77
C HIS A 526 -23.21 -26.41 -13.34
N GLN A 527 -24.44 -26.73 -13.80
CA GLN A 527 -24.67 -27.98 -14.49
C GLN A 527 -24.82 -27.79 -16.00
N CYS A 528 -24.62 -26.58 -16.52
CA CYS A 528 -24.68 -26.34 -17.95
C CYS A 528 -23.49 -26.98 -18.68
N ASP A 529 -23.79 -27.65 -19.79
CA ASP A 529 -22.81 -28.11 -20.75
C ASP A 529 -23.14 -27.54 -22.12
N ILE A 530 -22.32 -26.66 -22.70
CA ILE A 530 -22.63 -26.12 -24.02
C ILE A 530 -22.15 -27.05 -25.16
N TYR A 531 -21.62 -28.25 -24.82
CA TYR A 531 -21.20 -29.20 -25.84
C TYR A 531 -22.25 -29.25 -26.94
N ARG A 532 -21.80 -29.10 -28.20
CA ARG A 532 -22.58 -29.34 -29.40
C ARG A 532 -23.60 -28.25 -29.65
N SER A 533 -23.59 -27.15 -28.89
CA SER A 533 -24.45 -26.00 -29.18
C SER A 533 -23.80 -25.11 -30.24
N THR A 534 -24.32 -25.21 -31.46
CA THR A 534 -23.88 -24.35 -32.56
C THR A 534 -24.33 -22.90 -32.32
N LYS A 535 -25.43 -22.70 -31.58
CA LYS A 535 -25.85 -21.37 -31.24
C LYS A 535 -24.82 -20.69 -30.33
N ALA A 536 -24.48 -21.37 -29.22
CA ALA A 536 -23.38 -20.93 -28.36
C ALA A 536 -22.14 -20.64 -29.16
N GLY A 537 -21.81 -21.55 -30.10
CA GLY A 537 -20.64 -21.42 -30.93
C GLY A 537 -20.67 -20.15 -31.77
N ALA A 538 -21.81 -19.86 -32.38
CA ALA A 538 -21.95 -18.68 -33.23
C ALA A 538 -21.71 -17.43 -32.38
N LYS A 539 -22.18 -17.46 -31.12
CA LYS A 539 -22.09 -16.30 -30.26
C LYS A 539 -20.63 -16.08 -29.87
N LEU A 540 -19.93 -17.14 -29.44
CA LEU A 540 -18.51 -17.09 -29.16
C LEU A 540 -17.67 -16.70 -30.38
N ARG A 541 -18.01 -17.25 -31.56
CA ARG A 541 -17.25 -17.01 -32.77
C ARG A 541 -17.26 -15.51 -33.07
N LYS A 542 -18.38 -14.83 -32.84
CA LYS A 542 -18.47 -13.43 -33.18
C LYS A 542 -17.45 -12.66 -32.34
N VAL A 543 -17.27 -13.05 -31.09
CA VAL A 543 -16.30 -12.39 -30.25
C VAL A 543 -14.90 -12.67 -30.74
N LEU A 544 -14.59 -13.95 -31.03
CA LEU A 544 -13.25 -14.34 -31.41
C LEU A 544 -12.82 -13.60 -32.67
N ARG A 545 -13.74 -13.46 -33.60
CA ARG A 545 -13.45 -12.90 -34.89
C ARG A 545 -13.20 -11.41 -34.80
N ALA A 546 -13.68 -10.70 -33.75
CA ALA A 546 -13.54 -9.26 -33.61
C ALA A 546 -12.12 -8.88 -33.21
N GLY A 547 -11.31 -9.82 -32.71
CA GLY A 547 -10.01 -9.48 -32.17
C GLY A 547 -10.11 -8.24 -31.28
N SER A 548 -9.24 -7.24 -31.53
CA SER A 548 -9.22 -6.00 -30.74
C SER A 548 -9.72 -4.84 -31.57
N SER A 549 -10.56 -5.12 -32.52
CA SER A 549 -10.95 -4.09 -33.47
C SER A 549 -12.09 -3.24 -32.90
N ARG A 550 -12.71 -3.69 -31.82
CA ARG A 550 -13.75 -2.89 -31.19
C ARG A 550 -13.52 -2.81 -29.68
N PRO A 551 -13.98 -1.71 -29.03
CA PRO A 551 -13.83 -1.58 -27.57
C PRO A 551 -14.42 -2.77 -26.82
N TRP A 552 -13.65 -3.29 -25.87
CA TRP A 552 -14.04 -4.53 -25.25
C TRP A 552 -15.40 -4.39 -24.55
N GLN A 553 -15.75 -3.17 -24.13
CA GLN A 553 -16.99 -2.89 -23.39
C GLN A 553 -18.19 -3.09 -24.32
N GLU A 554 -17.97 -2.80 -25.61
CA GLU A 554 -18.96 -2.97 -26.66
C GLU A 554 -19.10 -4.44 -27.06
N VAL A 555 -17.99 -5.15 -27.30
CA VAL A 555 -18.01 -6.56 -27.59
C VAL A 555 -18.70 -7.32 -26.46
N LEU A 556 -18.29 -7.05 -25.21
CA LEU A 556 -18.88 -7.63 -24.03
C LEU A 556 -20.40 -7.44 -24.00
N LYS A 557 -20.89 -6.25 -24.36
CA LYS A 557 -22.30 -5.94 -24.26
C LYS A 557 -23.08 -6.73 -25.31
N ASP A 558 -22.53 -6.85 -26.51
CA ASP A 558 -23.16 -7.66 -27.55
C ASP A 558 -23.28 -9.09 -27.04
N MET A 559 -22.29 -9.55 -26.31
CA MET A 559 -22.23 -10.95 -25.94
C MET A 559 -23.10 -11.28 -24.72
N VAL A 560 -23.05 -10.48 -23.64
CA VAL A 560 -23.69 -10.84 -22.39
C VAL A 560 -24.71 -9.80 -22.00
N GLY A 561 -24.85 -8.70 -22.75
CA GLY A 561 -25.83 -7.65 -22.43
C GLY A 561 -25.39 -6.62 -21.37
N LEU A 562 -24.16 -6.72 -20.90
CA LEU A 562 -23.60 -5.74 -19.97
C LEU A 562 -22.23 -5.26 -20.51
N ASP A 563 -21.89 -3.99 -20.29
CA ASP A 563 -20.70 -3.35 -20.85
C ASP A 563 -19.60 -3.26 -19.78
N ALA A 564 -19.58 -4.18 -18.83
CA ALA A 564 -18.72 -4.09 -17.66
C ALA A 564 -18.50 -5.49 -17.10
N LEU A 565 -17.30 -5.76 -16.62
CA LEU A 565 -17.04 -6.90 -15.76
C LEU A 565 -18.09 -6.92 -14.66
N ASP A 566 -18.50 -8.11 -14.21
CA ASP A 566 -19.59 -8.30 -13.26
C ASP A 566 -19.38 -9.62 -12.54
N ALA A 567 -19.46 -9.57 -11.21
CA ALA A 567 -19.28 -10.72 -10.33
C ALA A 567 -20.57 -11.56 -10.19
N GLN A 568 -21.73 -11.05 -10.61
CA GLN A 568 -23.00 -11.71 -10.34
C GLN A 568 -22.98 -13.13 -10.90
N PRO A 569 -22.53 -13.36 -12.14
CA PRO A 569 -22.53 -14.71 -12.68
C PRO A 569 -21.71 -15.66 -11.85
N LEU A 570 -20.50 -15.23 -11.47
CA LEU A 570 -19.66 -16.09 -10.66
C LEU A 570 -20.39 -16.44 -9.36
N LEU A 571 -20.98 -15.41 -8.76
CA LEU A 571 -21.67 -15.60 -7.50
C LEU A 571 -22.85 -16.53 -7.68
N LYS A 572 -23.54 -16.51 -8.81
CA LYS A 572 -24.75 -17.32 -8.88
C LYS A 572 -24.34 -18.78 -9.18
N TYR A 573 -23.28 -18.93 -9.99
CA TYR A 573 -22.63 -20.23 -10.19
C TYR A 573 -22.33 -20.91 -8.85
N PHE A 574 -21.71 -20.21 -7.87
CA PHE A 574 -21.21 -20.86 -6.67
C PHE A 574 -22.23 -20.76 -5.53
N GLN A 575 -23.34 -20.12 -5.80
CA GLN A 575 -24.28 -19.70 -4.78
C GLN A 575 -24.56 -20.75 -3.70
N LEU A 576 -24.75 -22.01 -4.10
CA LEU A 576 -25.15 -23.07 -3.18
C LEU A 576 -24.02 -23.48 -2.24
N VAL A 577 -22.78 -23.50 -2.71
CA VAL A 577 -21.62 -23.83 -1.89
C VAL A 577 -21.21 -22.62 -1.05
N THR A 578 -21.61 -21.40 -1.46
CA THR A 578 -21.41 -20.25 -0.64
C THR A 578 -22.27 -20.41 0.61
N GLN A 579 -23.56 -20.68 0.44
CA GLN A 579 -24.48 -20.90 1.54
C GLN A 579 -24.02 -22.08 2.39
N TRP A 580 -23.55 -23.16 1.76
CA TRP A 580 -23.13 -24.36 2.48
C TRP A 580 -21.88 -24.11 3.37
N LEU A 581 -20.89 -23.43 2.79
CA LEU A 581 -19.61 -23.15 3.45
C LEU A 581 -19.81 -22.27 4.69
N GLN A 582 -20.68 -21.25 4.59
CA GLN A 582 -21.00 -20.37 5.70
C GLN A 582 -21.67 -21.17 6.82
N GLU A 583 -22.60 -22.06 6.47
CA GLU A 583 -23.28 -22.89 7.46
C GLU A 583 -22.25 -23.75 8.18
N GLN A 584 -21.36 -24.39 7.45
CA GLN A 584 -20.35 -25.28 8.01
C GLN A 584 -19.40 -24.53 8.94
N ASN A 585 -18.98 -23.35 8.49
CA ASN A 585 -17.96 -22.59 9.18
C ASN A 585 -18.54 -22.06 10.49
N GLN A 586 -19.81 -21.65 10.45
CA GLN A 586 -20.54 -21.28 11.65
C GLN A 586 -20.75 -22.45 12.59
N GLN A 587 -21.17 -23.59 12.08
CA GLN A 587 -21.35 -24.73 12.96
C GLN A 587 -20.03 -25.20 13.51
N ASN A 588 -18.91 -25.03 12.81
CA ASN A 588 -17.65 -25.44 13.39
C ASN A 588 -17.02 -24.35 14.23
N GLY A 589 -17.72 -23.22 14.45
CA GLY A 589 -17.22 -22.08 15.21
C GLY A 589 -15.91 -21.52 14.67
N GLU A 590 -15.81 -21.37 13.36
CA GLU A 590 -14.59 -20.87 12.75
C GLU A 590 -14.49 -19.36 12.87
N VAL A 591 -13.26 -18.88 12.73
CA VAL A 591 -13.04 -17.47 12.51
C VAL A 591 -12.75 -17.26 11.03
N LEU A 592 -13.52 -16.38 10.40
CA LEU A 592 -13.21 -15.93 9.04
C LEU A 592 -11.98 -15.06 9.10
N GLY A 593 -11.06 -15.27 8.19
CA GLY A 593 -9.88 -14.43 8.15
C GLY A 593 -8.76 -15.00 9.01
N TRP A 594 -7.72 -14.17 9.15
CA TRP A 594 -6.52 -14.57 9.85
C TRP A 594 -6.08 -13.46 10.80
N PRO A 595 -6.79 -13.28 11.92
CA PRO A 595 -6.42 -12.25 12.85
C PRO A 595 -5.01 -12.44 13.45
N GLU A 596 -4.52 -13.67 13.55
CA GLU A 596 -3.17 -13.93 13.98
C GLU A 596 -2.24 -13.84 12.77
N TYR A 597 -2.11 -12.63 12.20
CA TYR A 597 -1.47 -12.39 10.92
C TYR A 597 0.03 -12.62 11.01
N GLN A 598 0.59 -12.53 12.20
CA GLN A 598 2.03 -12.58 12.33
C GLN A 598 2.50 -14.03 12.40
N TRP A 599 1.59 -14.93 12.76
CA TRP A 599 1.94 -16.33 12.95
C TRP A 599 2.58 -16.95 11.70
N HIS A 600 3.66 -17.71 11.92
CA HIS A 600 4.40 -18.51 10.95
C HIS A 600 4.62 -19.86 11.60
N PRO A 601 4.61 -20.99 10.87
CA PRO A 601 4.74 -22.30 11.48
C PRO A 601 6.16 -22.59 11.94
N PRO A 602 6.39 -23.50 12.90
CA PRO A 602 7.76 -23.88 13.23
C PRO A 602 8.41 -24.66 12.09
N LEU A 603 9.74 -24.78 12.12
CA LEU A 603 10.46 -25.77 11.32
C LEU A 603 10.16 -27.17 11.83
N PRO A 604 10.09 -28.18 10.94
CA PRO A 604 10.14 -29.58 11.34
C PRO A 604 11.42 -29.97 12.08
N ASP A 605 11.35 -31.01 12.92
CA ASP A 605 12.39 -31.32 13.88
C ASP A 605 13.79 -31.37 13.25
N ASN A 606 14.05 -32.33 12.36
CA ASN A 606 15.41 -32.49 11.86
C ASN A 606 15.38 -32.05 10.39
N TYR A 607 15.12 -30.75 10.20
CA TYR A 607 15.06 -30.11 8.90
C TYR A 607 16.28 -29.22 8.74
N PRO A 608 17.03 -29.23 7.60
CA PRO A 608 16.53 -29.60 6.28
C PRO A 608 16.67 -31.06 5.83
N GLU A 609 16.90 -32.00 6.77
CA GLU A 609 17.14 -33.40 6.44
C GLU A 609 15.81 -34.18 6.44
N LEU B 1 -29.71 26.09 20.30
CA LEU B 1 -28.98 27.28 19.81
C LEU B 1 -29.84 28.52 20.05
N ASP B 2 -29.36 29.47 20.87
CA ASP B 2 -29.93 30.80 20.92
C ASP B 2 -30.25 31.33 19.51
N PRO B 3 -31.47 31.89 19.28
CA PRO B 3 -31.78 32.62 18.04
C PRO B 3 -30.69 33.61 17.61
N GLY B 4 -30.21 34.39 18.59
CA GLY B 4 -29.15 35.36 18.38
C GLY B 4 -27.81 34.78 17.91
N LEU B 5 -27.63 33.44 17.91
CA LEU B 5 -26.45 32.82 17.30
C LEU B 5 -26.81 32.21 15.94
N GLN B 6 -28.06 32.36 15.48
CA GLN B 6 -28.45 31.86 14.16
C GLN B 6 -28.26 32.94 13.10
N PRO B 7 -27.93 32.57 11.85
CA PRO B 7 -27.64 33.56 10.83
C PRO B 7 -28.88 34.34 10.40
N GLY B 8 -28.70 35.62 10.02
CA GLY B 8 -29.76 36.46 9.48
C GLY B 8 -29.85 36.34 7.95
N GLN B 9 -30.25 37.41 7.27
CA GLN B 9 -30.35 37.32 5.82
C GLN B 9 -29.22 38.12 5.18
N PHE B 10 -28.58 37.54 4.15
CA PHE B 10 -27.57 38.23 3.36
C PHE B 10 -27.88 38.03 1.88
N SER B 11 -27.34 38.94 1.06
CA SER B 11 -27.39 38.80 -0.39
C SER B 11 -26.45 37.68 -0.85
N ALA B 12 -26.81 37.10 -2.00
CA ALA B 12 -26.11 35.98 -2.59
C ALA B 12 -25.02 36.45 -3.56
N ASP B 13 -24.02 37.15 -3.04
CA ASP B 13 -22.96 37.75 -3.83
C ASP B 13 -21.78 37.97 -2.88
N GLU B 14 -20.69 38.59 -3.39
CA GLU B 14 -19.46 38.73 -2.61
C GLU B 14 -19.64 39.76 -1.50
N ALA B 15 -20.29 40.89 -1.84
CA ALA B 15 -20.69 41.90 -0.87
C ALA B 15 -21.38 41.27 0.33
N GLY B 16 -22.41 40.44 0.09
CA GLY B 16 -23.21 39.87 1.17
C GLY B 16 -22.43 38.82 1.96
N ALA B 17 -21.58 38.05 1.28
CA ALA B 17 -20.69 37.08 1.89
C ALA B 17 -19.67 37.74 2.87
N GLN B 18 -19.18 38.96 2.60
CA GLN B 18 -18.36 39.71 3.55
C GLN B 18 -19.13 39.85 4.87
N LEU B 19 -20.38 40.39 4.76
CA LEU B 19 -21.27 40.64 5.86
C LEU B 19 -21.59 39.31 6.53
N PHE B 20 -21.82 38.28 5.72
CA PHE B 20 -22.14 36.98 6.26
C PHE B 20 -21.00 36.54 7.16
N ALA B 21 -19.78 36.66 6.61
CA ALA B 21 -18.58 36.20 7.29
C ALA B 21 -18.37 37.03 8.54
N GLN B 22 -18.70 38.31 8.51
CA GLN B 22 -18.50 39.11 9.71
C GLN B 22 -19.42 38.56 10.80
N SER B 23 -20.69 38.37 10.45
CA SER B 23 -21.70 38.13 11.45
C SER B 23 -21.47 36.73 12.06
N TYR B 24 -20.92 35.85 11.24
CA TYR B 24 -20.56 34.48 11.61
C TYR B 24 -19.53 34.48 12.73
N GLN B 25 -18.56 35.40 12.64
CA GLN B 25 -17.35 35.30 13.44
C GLN B 25 -17.66 35.81 14.85
N SER B 26 -18.52 36.83 14.99
CA SER B 26 -18.94 37.23 16.33
C SER B 26 -19.58 36.05 17.07
N SER B 27 -20.47 35.37 16.34
CA SER B 27 -21.36 34.41 16.97
C SER B 27 -20.54 33.16 17.31
N ALA B 28 -19.51 32.92 16.48
CA ALA B 28 -18.66 31.75 16.66
C ALA B 28 -17.84 31.84 17.95
N GLU B 29 -17.33 33.04 18.26
CA GLU B 29 -16.42 33.18 19.39
C GLU B 29 -17.08 32.65 20.64
N GLN B 30 -18.38 32.92 20.79
CA GLN B 30 -19.06 32.55 22.02
C GLN B 30 -19.27 31.04 22.10
N VAL B 31 -19.37 30.41 20.92
CA VAL B 31 -19.68 29.00 20.85
C VAL B 31 -18.39 28.22 21.01
N LEU B 32 -17.35 28.66 20.29
CA LEU B 32 -16.01 28.11 20.48
C LEU B 32 -15.59 28.23 21.94
N PHE B 33 -15.81 29.39 22.55
CA PHE B 33 -15.49 29.59 23.95
C PHE B 33 -16.13 28.48 24.79
N GLN B 34 -17.46 28.38 24.78
CA GLN B 34 -18.17 27.51 25.70
C GLN B 34 -17.69 26.07 25.51
N SER B 35 -17.33 25.76 24.28
CA SER B 35 -16.85 24.46 23.92
C SER B 35 -15.41 24.25 24.42
N VAL B 36 -14.51 25.20 24.22
CA VAL B 36 -13.15 25.02 24.69
C VAL B 36 -13.12 25.00 26.22
N ALA B 37 -14.00 25.76 26.85
CA ALA B 37 -14.16 25.75 28.30
C ALA B 37 -14.53 24.36 28.83
N ALA B 38 -15.52 23.75 28.19
CA ALA B 38 -16.06 22.49 28.66
C ALA B 38 -15.02 21.37 28.51
N SER B 39 -14.23 21.44 27.43
CA SER B 39 -13.11 20.52 27.23
C SER B 39 -12.02 20.73 28.28
N TRP B 40 -11.80 22.00 28.62
CA TRP B 40 -10.81 22.31 29.64
C TRP B 40 -11.21 21.63 30.95
N ALA B 41 -12.46 21.87 31.36
CA ALA B 41 -13.01 21.29 32.57
C ALA B 41 -12.89 19.77 32.57
N HIS B 42 -12.95 19.18 31.36
CA HIS B 42 -12.89 17.73 31.26
C HIS B 42 -11.44 17.26 31.39
N ASP B 43 -10.57 17.85 30.54
CA ASP B 43 -9.23 17.34 30.30
C ASP B 43 -8.32 17.52 31.51
N THR B 44 -8.70 18.47 32.39
CA THR B 44 -8.02 18.73 33.65
C THR B 44 -8.77 18.11 34.81
N ASN B 45 -9.84 17.36 34.57
CA ASN B 45 -10.61 16.76 35.65
C ASN B 45 -11.55 15.77 34.99
N ILE B 46 -11.01 14.62 34.55
CA ILE B 46 -11.79 13.65 33.80
C ILE B 46 -12.82 12.94 34.67
N THR B 47 -14.10 13.31 34.55
CA THR B 47 -15.21 12.67 35.25
C THR B 47 -16.29 12.46 34.20
N ALA B 48 -17.30 11.68 34.57
CA ALA B 48 -18.40 11.39 33.67
C ALA B 48 -19.27 12.63 33.51
N GLU B 49 -19.43 13.39 34.60
CA GLU B 49 -20.19 14.61 34.55
C GLU B 49 -19.52 15.61 33.60
N ASN B 50 -18.20 15.69 33.62
CA ASN B 50 -17.55 16.70 32.80
C ASN B 50 -17.54 16.21 31.36
N ALA B 51 -17.53 14.90 31.14
CA ALA B 51 -17.64 14.39 29.79
C ALA B 51 -19.03 14.70 29.22
N ARG B 52 -20.07 14.52 30.04
CA ARG B 52 -21.44 14.88 29.70
C ARG B 52 -21.53 16.35 29.29
N ARG B 53 -20.81 17.23 29.99
CA ARG B 53 -20.81 18.67 29.75
C ARG B 53 -20.06 19.04 28.47
N GLN B 54 -18.95 18.36 28.21
CA GLN B 54 -18.26 18.55 26.96
C GLN B 54 -19.15 18.08 25.79
N GLU B 55 -19.81 16.96 25.99
CA GLU B 55 -20.67 16.43 24.94
C GLU B 55 -21.81 17.41 24.69
N GLU B 56 -22.32 18.10 25.72
CA GLU B 56 -23.47 18.99 25.51
C GLU B 56 -22.95 20.22 24.74
N ALA B 57 -21.68 20.54 24.94
CA ALA B 57 -21.14 21.72 24.31
C ALA B 57 -20.82 21.41 22.85
N ALA B 58 -20.36 20.19 22.62
CA ALA B 58 -20.06 19.74 21.28
C ALA B 58 -21.34 19.77 20.45
N LEU B 59 -22.47 19.35 21.06
CA LEU B 59 -23.79 19.36 20.42
C LEU B 59 -24.19 20.78 19.98
N LEU B 60 -23.93 21.74 20.86
CA LEU B 60 -24.22 23.12 20.56
C LEU B 60 -23.34 23.58 19.38
N SER B 61 -22.05 23.20 19.34
CA SER B 61 -21.25 23.58 18.18
C SER B 61 -21.86 23.01 16.91
N GLN B 62 -22.38 21.77 16.99
CA GLN B 62 -22.88 21.08 15.81
C GLN B 62 -24.14 21.80 15.31
N GLU B 63 -25.04 22.24 16.18
CA GLU B 63 -26.20 23.03 15.74
C GLU B 63 -25.78 24.37 15.13
N PHE B 64 -24.74 24.98 15.70
CA PHE B 64 -24.19 26.24 15.22
C PHE B 64 -23.67 26.03 13.79
N ALA B 65 -22.76 25.04 13.62
CA ALA B 65 -22.09 24.77 12.36
C ALA B 65 -23.15 24.44 11.31
N GLU B 66 -24.26 23.87 11.75
CA GLU B 66 -25.33 23.46 10.88
C GLU B 66 -26.11 24.68 10.41
N ALA B 67 -26.54 25.53 11.36
CA ALA B 67 -27.31 26.72 11.04
C ALA B 67 -26.60 27.53 9.96
N TRP B 68 -25.33 27.76 10.23
CA TRP B 68 -24.49 28.64 9.46
C TRP B 68 -23.96 27.96 8.20
N GLY B 69 -23.63 26.67 8.32
CA GLY B 69 -23.25 25.88 7.16
C GLY B 69 -24.37 25.71 6.16
N GLN B 70 -25.58 25.33 6.63
CA GLN B 70 -26.73 25.23 5.73
C GLN B 70 -26.93 26.58 5.05
N LYS B 71 -26.80 27.67 5.82
CA LYS B 71 -27.11 28.98 5.26
C LYS B 71 -26.03 29.40 4.25
N ALA B 72 -24.76 29.08 4.54
CA ALA B 72 -23.68 29.30 3.57
C ALA B 72 -23.98 28.58 2.25
N LYS B 73 -24.45 27.32 2.31
CA LYS B 73 -24.76 26.56 1.12
C LYS B 73 -25.89 27.23 0.35
N GLU B 74 -26.99 27.62 1.00
CA GLU B 74 -28.10 28.20 0.27
C GLU B 74 -27.67 29.42 -0.53
N LEU B 75 -26.82 30.27 0.05
CA LEU B 75 -26.52 31.57 -0.53
C LEU B 75 -25.32 31.49 -1.48
N TYR B 76 -24.31 30.65 -1.19
CA TYR B 76 -22.99 30.79 -1.79
C TYR B 76 -22.42 29.49 -2.38
N GLU B 77 -23.13 28.35 -2.30
CA GLU B 77 -22.58 27.08 -2.76
C GLU B 77 -22.26 27.21 -4.26
N PRO B 78 -23.18 27.76 -5.08
CA PRO B 78 -22.84 28.06 -6.45
C PRO B 78 -21.56 28.90 -6.67
N ILE B 79 -21.25 29.90 -5.81
CA ILE B 79 -20.52 31.08 -6.31
C ILE B 79 -19.24 31.38 -5.54
N TRP B 80 -19.07 30.80 -4.35
CA TRP B 80 -18.03 31.26 -3.43
C TRP B 80 -16.63 31.01 -4.01
N GLN B 81 -16.46 30.02 -4.89
CA GLN B 81 -15.12 29.70 -5.37
C GLN B 81 -14.71 30.66 -6.48
N GLN B 82 -15.65 31.44 -7.03
CA GLN B 82 -15.29 32.46 -8.00
C GLN B 82 -15.15 33.84 -7.34
N PHE B 83 -15.29 33.93 -6.01
CA PHE B 83 -15.11 35.22 -5.34
C PHE B 83 -13.66 35.68 -5.53
N THR B 84 -13.47 37.01 -5.63
CA THR B 84 -12.18 37.60 -5.92
C THR B 84 -11.25 37.60 -4.69
N ASP B 85 -11.82 37.95 -3.53
CA ASP B 85 -11.12 38.01 -2.25
C ASP B 85 -10.69 36.59 -1.85
N PRO B 86 -9.38 36.25 -1.91
CA PRO B 86 -8.90 34.91 -1.58
C PRO B 86 -9.27 34.43 -0.16
N GLN B 87 -9.30 35.41 0.75
CA GLN B 87 -9.47 35.16 2.17
C GLN B 87 -10.93 34.81 2.46
N LEU B 88 -11.83 35.48 1.74
CA LEU B 88 -13.26 35.21 1.85
C LEU B 88 -13.62 33.84 1.27
N ARG B 89 -12.87 33.36 0.28
CA ARG B 89 -13.10 32.01 -0.25
C ARG B 89 -12.78 30.97 0.81
N ARG B 90 -11.71 31.21 1.55
CA ARG B 90 -11.26 30.28 2.58
C ARG B 90 -12.31 30.19 3.68
N ILE B 91 -12.84 31.36 4.07
CA ILE B 91 -13.76 31.46 5.19
C ILE B 91 -15.06 30.75 4.80
N ILE B 92 -15.66 31.21 3.69
CA ILE B 92 -16.96 30.68 3.28
C ILE B 92 -16.81 29.19 2.99
N GLY B 93 -15.71 28.85 2.29
CA GLY B 93 -15.26 27.49 2.08
C GLY B 93 -15.33 26.63 3.34
N ALA B 94 -14.78 27.14 4.45
CA ALA B 94 -14.78 26.43 5.72
C ALA B 94 -16.21 26.32 6.25
N VAL B 95 -16.94 27.43 6.23
CA VAL B 95 -18.27 27.50 6.82
C VAL B 95 -19.22 26.51 6.17
N ARG B 96 -19.08 26.26 4.87
CA ARG B 96 -20.00 25.35 4.19
C ARG B 96 -19.64 23.86 4.43
N THR B 97 -18.46 23.55 4.99
CA THR B 97 -18.09 22.18 5.36
C THR B 97 -18.67 21.86 6.75
N LEU B 98 -19.73 21.05 6.81
CA LEU B 98 -20.42 20.82 8.07
C LEU B 98 -19.72 19.81 8.99
N GLY B 99 -18.84 18.94 8.47
CA GLY B 99 -18.25 17.91 9.31
C GLY B 99 -19.38 17.17 10.03
N SER B 100 -19.17 16.93 11.32
CA SER B 100 -20.04 16.06 12.08
C SER B 100 -21.42 16.66 12.23
N ALA B 101 -21.58 17.93 11.89
CA ALA B 101 -22.87 18.59 11.93
C ALA B 101 -23.81 18.06 10.87
N ASN B 102 -23.26 17.38 9.82
CA ASN B 102 -24.06 16.69 8.83
C ASN B 102 -24.77 15.46 9.43
N LEU B 103 -24.33 14.99 10.60
CA LEU B 103 -24.91 13.81 11.22
C LEU B 103 -26.23 14.17 11.88
N PRO B 104 -27.22 13.25 11.88
CA PRO B 104 -28.42 13.46 12.67
C PRO B 104 -28.11 13.36 14.16
N LEU B 105 -29.04 13.84 14.98
CA LEU B 105 -28.81 14.01 16.40
C LEU B 105 -28.22 12.76 17.07
N ALA B 106 -28.88 11.61 16.89
CA ALA B 106 -28.44 10.42 17.60
C ALA B 106 -27.03 10.03 17.18
N LYS B 107 -26.67 10.32 15.93
CA LYS B 107 -25.32 10.02 15.49
C LYS B 107 -24.36 11.12 15.92
N ARG B 108 -24.84 12.34 16.14
CA ARG B 108 -23.96 13.34 16.75
C ARG B 108 -23.62 12.96 18.20
N GLN B 109 -24.65 12.53 18.96
CA GLN B 109 -24.44 12.06 20.31
C GLN B 109 -23.43 10.92 20.37
N GLN B 110 -23.54 10.00 19.40
CA GLN B 110 -22.64 8.86 19.31
C GLN B 110 -21.21 9.34 19.06
N TYR B 111 -21.04 10.19 18.03
CA TYR B 111 -19.75 10.75 17.67
C TYR B 111 -19.10 11.45 18.87
N ASN B 112 -19.86 12.26 19.58
CA ASN B 112 -19.34 13.02 20.71
C ASN B 112 -19.00 12.07 21.84
N ALA B 113 -19.86 11.07 22.14
CA ALA B 113 -19.59 10.13 23.22
C ALA B 113 -18.33 9.32 22.94
N LEU B 114 -18.15 8.94 21.67
CA LEU B 114 -16.98 8.19 21.26
C LEU B 114 -15.71 8.99 21.53
N LEU B 115 -15.64 10.27 21.09
CA LEU B 115 -14.54 11.13 21.44
C LEU B 115 -14.30 11.15 22.97
N SER B 116 -15.36 11.35 23.77
CA SER B 116 -15.20 11.36 25.23
C SER B 116 -14.57 10.06 25.71
N GLN B 117 -15.13 8.93 25.29
CA GLN B 117 -14.73 7.66 25.84
C GLN B 117 -13.35 7.25 25.35
N MET B 118 -12.97 7.55 24.12
CA MET B 118 -11.61 7.27 23.66
C MET B 118 -10.59 8.15 24.40
N SER B 119 -10.88 9.43 24.60
CA SER B 119 -10.11 10.30 25.48
C SER B 119 -9.85 9.62 26.82
N ARG B 120 -10.94 9.19 27.46
CA ARG B 120 -10.90 8.67 28.81
C ARG B 120 -10.10 7.38 28.86
N ILE B 121 -10.26 6.54 27.85
CA ILE B 121 -9.56 5.28 27.88
C ILE B 121 -8.06 5.55 27.79
N TYR B 122 -7.67 6.39 26.81
CA TYR B 122 -6.27 6.65 26.56
C TYR B 122 -5.62 7.25 27.81
N SER B 123 -6.29 8.22 28.43
CA SER B 123 -5.69 9.05 29.45
C SER B 123 -5.87 8.45 30.83
N THR B 124 -6.67 7.38 31.01
CA THR B 124 -6.80 6.79 32.34
C THR B 124 -6.30 5.35 32.35
N ALA B 125 -5.84 4.81 31.25
CA ALA B 125 -5.28 3.48 31.25
C ALA B 125 -4.06 3.38 32.17
N LYS B 126 -4.01 2.27 32.91
CA LYS B 126 -2.90 1.98 33.80
C LYS B 126 -2.30 0.62 33.42
N VAL B 127 -1.06 0.39 33.85
CA VAL B 127 -0.47 -0.94 33.78
C VAL B 127 -0.15 -1.41 35.20
N CYS B 128 -0.77 -2.51 35.69
CA CYS B 128 -0.80 -2.87 37.11
C CYS B 128 0.11 -4.05 37.41
N LEU B 129 0.02 -4.65 38.63
CA LEU B 129 1.00 -5.61 39.19
C LEU B 129 2.41 -5.36 38.60
N THR B 135 -1.56 -1.07 42.84
CA THR B 135 -0.15 -0.69 42.59
C THR B 135 0.12 -0.60 41.06
N CYS B 136 -0.06 0.61 40.48
CA CYS B 136 -0.38 0.78 39.06
C CYS B 136 0.28 2.01 38.40
N TRP B 137 0.93 1.79 37.24
CA TRP B 137 1.68 2.81 36.54
C TRP B 137 0.85 3.55 35.50
N SER B 138 1.02 4.86 35.45
CA SER B 138 0.36 5.67 34.45
C SER B 138 1.38 5.92 33.34
N LEU B 139 0.89 6.35 32.18
CA LEU B 139 1.74 6.55 31.02
C LEU B 139 2.75 7.63 31.37
N ASP B 140 2.23 8.71 31.94
CA ASP B 140 3.02 9.88 32.30
C ASP B 140 2.76 10.17 33.78
N PRO B 141 3.78 10.10 34.67
CA PRO B 141 5.18 9.91 34.29
C PRO B 141 5.77 8.49 34.32
N ASP B 142 5.05 7.49 34.84
CA ASP B 142 5.63 6.22 35.24
C ASP B 142 6.21 5.45 34.07
N LEU B 143 5.44 5.29 33.00
CA LEU B 143 5.87 4.47 31.87
C LEU B 143 6.84 5.25 31.00
N THR B 144 6.60 6.53 30.80
CA THR B 144 7.54 7.39 30.10
C THR B 144 8.93 7.23 30.72
N ASN B 145 8.99 7.30 32.05
CA ASN B 145 10.25 7.26 32.76
C ASN B 145 10.89 5.89 32.55
N ILE B 146 10.10 4.81 32.67
CA ILE B 146 10.69 3.50 32.49
C ILE B 146 11.32 3.41 31.10
N LEU B 147 10.59 3.85 30.07
CA LEU B 147 11.04 3.73 28.68
C LEU B 147 12.31 4.58 28.45
N ALA B 148 12.36 5.72 29.15
CA ALA B 148 13.38 6.73 28.94
C ALA B 148 14.69 6.26 29.53
N SER B 149 14.64 5.53 30.63
CA SER B 149 15.87 5.27 31.34
C SER B 149 15.99 3.85 31.95
N SER B 150 15.02 2.97 31.83
CA SER B 150 15.36 1.59 32.15
C SER B 150 16.20 1.07 30.99
N ARG B 151 17.13 0.18 31.30
CA ARG B 151 17.92 -0.50 30.29
C ARG B 151 17.89 -2.00 30.58
N SER B 152 16.83 -2.44 31.25
CA SER B 152 16.48 -3.84 31.36
C SER B 152 15.51 -4.20 30.24
N TYR B 153 15.92 -5.16 29.39
CA TYR B 153 15.13 -5.54 28.24
C TYR B 153 13.73 -5.92 28.73
N ALA B 154 13.68 -6.72 29.80
CA ALA B 154 12.45 -7.34 30.30
C ALA B 154 11.51 -6.29 30.89
N MET B 155 12.07 -5.29 31.56
CA MET B 155 11.27 -4.24 32.17
C MET B 155 10.69 -3.31 31.10
N LEU B 156 11.52 -2.98 30.10
CA LEU B 156 11.06 -2.17 28.98
C LEU B 156 9.92 -2.89 28.25
N LEU B 157 10.03 -4.21 28.15
CA LEU B 157 9.01 -5.00 27.47
C LEU B 157 7.71 -5.00 28.27
N PHE B 158 7.83 -5.11 29.59
CA PHE B 158 6.64 -5.12 30.42
C PHE B 158 5.87 -3.83 30.21
N ALA B 159 6.63 -2.74 30.10
CA ALA B 159 5.99 -1.45 30.06
C ALA B 159 5.37 -1.20 28.69
N TRP B 160 6.15 -1.56 27.66
CA TRP B 160 5.74 -1.41 26.28
C TRP B 160 4.48 -2.23 25.98
N GLU B 161 4.51 -3.50 26.37
CA GLU B 161 3.44 -4.44 26.14
C GLU B 161 2.21 -4.06 26.97
N GLY B 162 2.46 -3.74 28.24
CA GLY B 162 1.40 -3.42 29.17
C GLY B 162 0.65 -2.24 28.61
N TRP B 163 1.41 -1.27 28.12
CA TRP B 163 0.81 -0.03 27.75
C TRP B 163 -0.05 -0.25 26.51
N HIS B 164 0.55 -0.89 25.49
CA HIS B 164 -0.06 -1.12 24.18
C HIS B 164 -1.35 -1.92 24.36
N ASN B 165 -1.31 -2.91 25.25
CA ASN B 165 -2.46 -3.70 25.64
C ASN B 165 -3.54 -2.92 26.39
N ALA B 166 -3.15 -2.14 27.40
CA ALA B 166 -4.15 -1.51 28.26
C ALA B 166 -4.92 -0.44 27.50
N ALA B 167 -4.22 0.23 26.56
CA ALA B 167 -4.77 1.34 25.81
C ALA B 167 -5.38 0.91 24.47
N GLY B 168 -4.67 0.05 23.75
CA GLY B 168 -5.11 -0.33 22.41
C GLY B 168 -6.37 -1.18 22.44
N ILE B 169 -6.32 -2.25 23.22
CA ILE B 169 -7.30 -3.29 23.09
C ILE B 169 -8.70 -2.71 23.21
N PRO B 170 -9.03 -2.02 24.30
CA PRO B 170 -10.38 -1.50 24.46
C PRO B 170 -10.75 -0.36 23.51
N LEU B 171 -9.79 0.29 22.85
CA LEU B 171 -10.09 1.38 21.93
C LEU B 171 -10.69 0.86 20.61
N LYS B 172 -10.31 -0.34 20.16
CA LYS B 172 -10.57 -0.76 18.79
C LYS B 172 -12.06 -0.68 18.41
N PRO B 173 -13.04 -1.25 19.17
CA PRO B 173 -14.45 -1.18 18.75
C PRO B 173 -14.95 0.27 18.65
N LEU B 174 -14.40 1.14 19.48
CA LEU B 174 -14.83 2.52 19.50
C LEU B 174 -14.27 3.24 18.28
N TYR B 175 -13.02 2.93 17.92
CA TYR B 175 -12.34 3.60 16.82
C TYR B 175 -13.03 3.22 15.51
N GLU B 176 -13.54 2.01 15.43
CA GLU B 176 -14.19 1.58 14.21
C GLU B 176 -15.47 2.38 13.98
N ASP B 177 -16.26 2.49 15.05
CA ASP B 177 -17.50 3.24 15.01
C ASP B 177 -17.23 4.69 14.65
N PHE B 178 -16.18 5.20 15.26
CA PHE B 178 -15.80 6.58 15.10
C PHE B 178 -15.51 6.87 13.63
N THR B 179 -14.67 6.03 13.02
CA THR B 179 -14.26 6.18 11.63
C THR B 179 -15.46 6.15 10.69
N ALA B 180 -16.44 5.31 10.98
CA ALA B 180 -17.61 5.19 10.13
C ALA B 180 -18.39 6.49 10.13
N LEU B 181 -18.63 7.00 11.35
CA LEU B 181 -19.37 8.23 11.55
C LEU B 181 -18.64 9.42 10.94
N SER B 182 -17.31 9.43 11.04
CA SER B 182 -16.49 10.50 10.51
C SER B 182 -16.68 10.59 9.01
N ASN B 183 -16.44 9.47 8.35
CA ASN B 183 -16.53 9.40 6.89
C ASN B 183 -17.92 9.80 6.42
N GLU B 184 -18.91 9.28 7.11
CA GLU B 184 -20.28 9.61 6.75
C GLU B 184 -20.48 11.11 6.75
N ALA B 185 -19.93 11.74 7.79
CA ALA B 185 -20.10 13.16 7.95
C ALA B 185 -19.43 13.94 6.82
N TYR B 186 -18.14 13.67 6.55
CA TYR B 186 -17.37 14.40 5.55
C TYR B 186 -17.81 14.04 4.13
N LYS B 187 -18.42 12.86 3.92
CA LYS B 187 -18.93 12.51 2.60
C LYS B 187 -20.04 13.47 2.18
N GLN B 188 -20.90 13.87 3.10
CA GLN B 188 -21.89 14.86 2.77
C GLN B 188 -21.30 16.25 2.49
N ASP B 189 -20.05 16.54 2.84
CA ASP B 189 -19.42 17.76 2.39
C ASP B 189 -18.81 17.64 1.00
N GLY B 190 -18.88 16.42 0.40
CA GLY B 190 -18.30 16.13 -0.90
C GLY B 190 -16.88 15.58 -0.81
N PHE B 191 -16.41 15.19 0.37
CA PHE B 191 -15.09 14.55 0.42
C PHE B 191 -15.29 13.07 0.19
N THR B 192 -14.31 12.47 -0.49
CA THR B 192 -14.28 11.04 -0.67
C THR B 192 -14.20 10.32 0.71
N ASP B 193 -13.52 10.93 1.69
CA ASP B 193 -13.37 10.39 3.03
C ASP B 193 -12.75 11.46 3.96
N THR B 194 -12.78 11.21 5.27
CA THR B 194 -12.23 12.12 6.27
C THR B 194 -10.76 12.45 5.96
N GLY B 195 -9.98 11.47 5.52
CA GLY B 195 -8.60 11.66 5.10
C GLY B 195 -8.44 12.69 3.98
N ALA B 196 -9.32 12.70 2.97
CA ALA B 196 -9.15 13.66 1.88
C ALA B 196 -9.47 15.06 2.39
N TYR B 197 -10.34 15.14 3.41
CA TYR B 197 -10.58 16.41 4.05
C TYR B 197 -9.32 16.94 4.76
N TRP B 198 -8.66 16.07 5.52
CA TRP B 198 -7.47 16.45 6.27
C TRP B 198 -6.36 16.89 5.32
N ARG B 199 -6.20 16.16 4.22
CA ARG B 199 -5.15 16.45 3.25
C ARG B 199 -5.45 17.75 2.50
N SER B 200 -6.72 18.16 2.43
CA SER B 200 -7.14 19.32 1.66
C SER B 200 -6.66 20.61 2.33
N TRP B 201 -6.40 20.58 3.64
CA TRP B 201 -5.86 21.74 4.34
C TRP B 201 -4.57 22.26 3.70
N TYR B 202 -3.72 21.40 3.13
CA TYR B 202 -2.46 21.84 2.57
C TYR B 202 -2.68 22.50 1.22
N ASN B 203 -3.87 22.31 0.64
CA ASN B 203 -4.28 23.11 -0.51
C ASN B 203 -3.19 23.04 -1.57
N SER B 204 -2.83 21.81 -1.94
CA SER B 204 -1.68 21.56 -2.78
C SER B 204 -1.98 20.37 -3.68
N PRO B 205 -2.13 20.52 -5.02
CA PRO B 205 -2.50 19.38 -5.86
C PRO B 205 -1.52 18.23 -5.79
N THR B 206 -0.25 18.50 -5.49
CA THR B 206 0.81 17.51 -5.54
C THR B 206 1.17 17.01 -4.12
N PHE B 207 0.31 17.20 -3.12
CA PHE B 207 0.68 17.05 -1.70
C PHE B 207 1.41 15.74 -1.42
N GLU B 208 0.77 14.61 -1.72
CA GLU B 208 1.29 13.32 -1.33
C GLU B 208 2.62 13.04 -2.05
N ASP B 209 2.69 13.46 -3.31
CA ASP B 209 3.90 13.33 -4.11
C ASP B 209 5.06 14.12 -3.53
N ASP B 210 4.80 15.38 -3.17
CA ASP B 210 5.77 16.24 -2.53
C ASP B 210 6.34 15.63 -1.26
N LEU B 211 5.47 15.08 -0.40
CA LEU B 211 5.89 14.39 0.80
C LEU B 211 6.86 13.24 0.50
N GLU B 212 6.55 12.44 -0.53
CA GLU B 212 7.37 11.27 -0.87
C GLU B 212 8.71 11.74 -1.43
N HIS B 213 8.71 12.84 -2.19
CA HIS B 213 9.96 13.40 -2.71
C HIS B 213 10.79 13.88 -1.52
N LEU B 214 10.15 14.48 -0.50
CA LEU B 214 10.86 14.89 0.70
C LEU B 214 11.45 13.67 1.40
N TYR B 215 10.59 12.66 1.65
CA TYR B 215 10.98 11.51 2.45
C TYR B 215 12.17 10.81 1.80
N GLN B 216 12.15 10.72 0.47
CA GLN B 216 13.22 10.04 -0.25
C GLN B 216 14.57 10.72 -0.05
N GLN B 217 14.56 12.05 0.03
CA GLN B 217 15.76 12.82 0.26
C GLN B 217 16.27 12.67 1.70
N LEU B 218 15.38 12.46 2.65
CA LEU B 218 15.71 12.36 4.06
C LEU B 218 16.03 10.93 4.50
N GLU B 219 15.48 9.94 3.77
CA GLU B 219 15.63 8.54 4.19
C GLU B 219 17.11 8.14 4.40
N PRO B 220 18.10 8.47 3.52
CA PRO B 220 19.50 8.10 3.79
C PRO B 220 20.01 8.51 5.19
N LEU B 221 19.60 9.68 5.68
CA LEU B 221 20.02 10.10 7.00
C LEU B 221 19.43 9.13 8.00
N TYR B 222 18.12 8.91 7.91
CA TYR B 222 17.47 8.05 8.87
C TYR B 222 18.12 6.67 8.84
N LEU B 223 18.47 6.16 7.65
CA LEU B 223 19.03 4.82 7.57
C LEU B 223 20.37 4.74 8.27
N ASN B 224 21.21 5.80 8.11
CA ASN B 224 22.54 5.80 8.69
C ASN B 224 22.45 5.83 10.21
N LEU B 225 21.48 6.61 10.70
CA LEU B 225 21.34 6.77 12.14
C LEU B 225 20.80 5.49 12.78
N HIS B 226 19.75 4.94 12.16
CA HIS B 226 19.20 3.64 12.49
C HIS B 226 20.31 2.60 12.67
N ALA B 227 21.17 2.45 11.69
CA ALA B 227 22.17 1.39 11.71
C ALA B 227 23.18 1.67 12.81
N PHE B 228 23.44 2.96 13.05
CA PHE B 228 24.37 3.35 14.09
C PHE B 228 23.83 2.97 15.47
N VAL B 229 22.58 3.37 15.71
CA VAL B 229 21.88 3.10 16.95
C VAL B 229 21.68 1.60 17.15
N ARG B 230 21.34 0.89 16.08
CA ARG B 230 21.21 -0.55 16.17
C ARG B 230 22.51 -1.19 16.66
N ARG B 231 23.65 -0.73 16.15
CA ARG B 231 24.94 -1.25 16.57
C ARG B 231 25.15 -1.04 18.07
N ALA B 232 24.73 0.13 18.55
CA ALA B 232 24.86 0.49 19.94
C ALA B 232 24.01 -0.44 20.79
N LEU B 233 22.75 -0.68 20.32
CA LEU B 233 21.81 -1.51 21.05
C LEU B 233 22.35 -2.92 21.08
N HIS B 234 22.96 -3.34 19.96
CA HIS B 234 23.54 -4.67 19.84
C HIS B 234 24.62 -4.84 20.92
N ARG B 235 25.43 -3.81 21.13
CA ARG B 235 26.50 -3.89 22.11
C ARG B 235 25.95 -4.10 23.51
N ARG B 236 24.75 -3.59 23.78
CA ARG B 236 24.14 -3.67 25.11
C ARG B 236 23.35 -4.96 25.31
N TYR B 237 22.48 -5.31 24.35
CA TYR B 237 21.42 -6.29 24.57
C TYR B 237 21.81 -7.63 23.93
N GLY B 238 22.80 -7.62 23.02
CA GLY B 238 23.44 -8.83 22.54
C GLY B 238 22.80 -9.35 21.27
N ASP B 239 23.31 -10.48 20.77
CA ASP B 239 22.89 -11.10 19.54
C ASP B 239 21.47 -11.64 19.59
N ARG B 240 21.00 -12.12 20.74
CA ARG B 240 19.68 -12.75 20.79
C ARG B 240 18.56 -11.71 20.58
N TYR B 241 18.73 -10.43 20.97
CA TYR B 241 17.64 -9.47 21.01
C TYR B 241 17.81 -8.37 19.95
N ILE B 242 18.99 -8.31 19.33
CA ILE B 242 19.25 -7.38 18.24
C ILE B 242 19.81 -8.19 17.08
N ASN B 243 19.13 -8.03 15.95
CA ASN B 243 19.57 -8.50 14.66
C ASN B 243 20.12 -7.29 13.91
N LEU B 244 21.42 -7.40 13.60
CA LEU B 244 22.14 -6.33 12.92
C LEU B 244 21.62 -6.15 11.50
N ARG B 245 20.76 -7.07 11.02
CA ARG B 245 20.26 -7.00 9.66
C ARG B 245 18.74 -6.92 9.66
N GLY B 246 18.15 -6.63 10.83
CA GLY B 246 16.72 -6.68 11.00
C GLY B 246 16.23 -5.40 11.67
N PRO B 247 14.91 -5.27 11.86
CA PRO B 247 14.36 -4.16 12.60
C PRO B 247 14.77 -4.18 14.06
N ILE B 248 14.73 -3.00 14.67
CA ILE B 248 15.05 -2.81 16.06
C ILE B 248 13.77 -3.11 16.84
N PRO B 249 13.81 -3.93 17.94
CA PRO B 249 12.65 -4.10 18.81
C PRO B 249 12.11 -2.77 19.30
N ALA B 250 10.79 -2.51 19.19
CA ALA B 250 10.22 -1.14 19.24
C ALA B 250 10.27 -0.47 20.64
N HIS B 251 10.80 -1.18 21.65
CA HIS B 251 10.78 -0.75 23.04
C HIS B 251 12.15 -0.31 23.56
N LEU B 252 13.17 -0.34 22.69
CA LEU B 252 14.54 -0.14 23.13
C LEU B 252 15.09 1.24 22.80
N LEU B 253 14.22 2.18 22.40
CA LEU B 253 14.71 3.45 21.86
C LEU B 253 14.42 4.65 22.77
N GLY B 254 13.92 4.44 23.98
CA GLY B 254 13.85 5.51 24.96
C GLY B 254 12.47 6.17 25.03
N ASP B 255 11.55 5.68 24.18
CA ASP B 255 10.27 6.34 23.96
C ASP B 255 9.25 5.25 23.64
N MET B 256 8.03 5.32 24.24
CA MET B 256 6.98 4.34 24.04
C MET B 256 6.68 4.05 22.55
N TRP B 257 6.85 5.04 21.68
CA TRP B 257 6.52 4.88 20.26
C TRP B 257 7.79 4.81 19.40
N ALA B 258 8.98 4.74 20.02
CA ALA B 258 10.23 4.83 19.30
C ALA B 258 10.27 6.04 18.38
N GLN B 259 9.60 7.14 18.76
CA GLN B 259 9.38 8.20 17.79
C GLN B 259 10.53 9.20 17.78
N SER B 260 11.21 9.31 18.93
CA SER B 260 12.45 10.05 19.05
C SER B 260 13.34 9.34 20.09
N TRP B 261 14.64 9.37 19.81
CA TRP B 261 15.59 8.50 20.46
C TRP B 261 16.58 9.26 21.35
N GLU B 262 16.23 10.46 21.81
CA GLU B 262 17.18 11.28 22.54
C GLU B 262 17.52 10.61 23.85
N ASN B 263 16.58 9.86 24.46
CA ASN B 263 16.72 9.33 25.80
C ASN B 263 17.74 8.20 25.89
N ILE B 264 18.19 7.66 24.75
CA ILE B 264 19.24 6.64 24.78
C ILE B 264 20.54 7.28 24.32
N TYR B 265 20.54 8.62 24.23
CA TYR B 265 21.76 9.37 23.92
C TYR B 265 22.95 8.80 24.69
N ASP B 266 22.75 8.41 25.95
CA ASP B 266 23.88 7.98 26.78
C ASP B 266 24.53 6.72 26.23
N MET B 267 23.82 5.88 25.47
CA MET B 267 24.42 4.67 24.94
C MET B 267 25.13 4.90 23.62
N VAL B 268 24.85 6.02 22.96
CA VAL B 268 25.31 6.19 21.59
C VAL B 268 26.27 7.35 21.47
N VAL B 269 26.33 8.24 22.47
CA VAL B 269 27.20 9.40 22.40
C VAL B 269 28.56 8.91 21.90
N PRO B 270 29.09 9.45 20.79
CA PRO B 270 30.40 9.04 20.29
C PRO B 270 31.67 9.42 21.08
N PHE B 271 31.63 10.52 21.82
CA PHE B 271 32.79 10.97 22.59
C PHE B 271 32.35 11.13 24.05
N PRO B 272 32.20 9.99 24.77
CA PRO B 272 31.56 9.97 26.09
C PRO B 272 32.29 10.70 27.22
N ASP B 273 33.52 11.15 27.00
CA ASP B 273 34.21 11.89 28.06
C ASP B 273 34.15 13.40 27.80
N LYS B 274 33.30 13.88 26.89
CA LYS B 274 33.11 15.32 26.74
C LYS B 274 31.98 15.77 27.67
N PRO B 275 31.76 17.07 27.95
CA PRO B 275 30.57 17.48 28.69
C PRO B 275 29.30 16.85 28.10
N ASN B 276 28.45 16.39 29.00
CA ASN B 276 27.15 15.85 28.67
C ASN B 276 26.20 16.97 28.23
N LEU B 277 25.66 16.85 27.02
CA LEU B 277 24.75 17.81 26.42
C LEU B 277 23.29 17.55 26.82
N ASP B 278 23.04 16.45 27.54
CA ASP B 278 21.81 16.28 28.28
C ASP B 278 21.99 16.92 29.66
N VAL B 279 21.33 18.06 29.82
CA VAL B 279 21.45 18.86 31.02
C VAL B 279 20.40 18.49 32.07
N THR B 280 19.73 17.33 31.93
CA THR B 280 18.66 16.98 32.85
C THR B 280 19.23 16.98 34.27
N SER B 281 20.33 16.24 34.50
CA SER B 281 21.13 16.29 35.73
C SER B 281 21.25 17.68 36.39
N THR B 282 21.79 18.59 35.57
CA THR B 282 22.07 19.95 36.02
C THR B 282 20.76 20.64 36.39
N MET B 283 19.71 20.49 35.57
CA MET B 283 18.40 21.05 35.90
C MET B 283 17.96 20.54 37.27
N LEU B 284 18.09 19.22 37.52
CA LEU B 284 17.67 18.67 38.80
C LEU B 284 18.57 19.15 39.92
N GLN B 285 19.92 19.11 39.73
CA GLN B 285 20.90 19.63 40.70
C GLN B 285 20.55 21.08 41.11
N GLN B 286 20.14 21.91 40.14
CA GLN B 286 19.92 23.32 40.37
C GLN B 286 18.50 23.60 40.86
N GLY B 287 17.63 22.59 40.87
CA GLY B 287 16.34 22.75 41.51
C GLY B 287 15.32 23.41 40.58
N TRP B 288 15.39 23.11 39.26
CA TRP B 288 14.39 23.64 38.36
C TRP B 288 13.05 22.99 38.66
N GLN B 289 12.02 23.80 38.49
CA GLN B 289 10.66 23.37 38.61
C GLN B 289 10.00 23.75 37.31
N ALA B 290 8.76 23.34 37.17
CA ALA B 290 8.00 23.61 35.98
C ALA B 290 7.93 25.11 35.70
N THR B 291 7.60 25.91 36.72
CA THR B 291 7.48 27.35 36.52
C THR B 291 8.73 27.87 35.84
N HIS B 292 9.90 27.43 36.30
CA HIS B 292 11.14 27.95 35.76
C HIS B 292 11.26 27.66 34.29
N MET B 293 10.88 26.46 33.90
CA MET B 293 10.90 26.02 32.51
C MET B 293 10.06 26.98 31.65
N PHE B 294 8.85 27.30 32.09
CA PHE B 294 7.91 28.12 31.33
C PHE B 294 8.44 29.55 31.23
N ARG B 295 9.05 30.02 32.33
CA ARG B 295 9.62 31.36 32.38
C ARG B 295 10.82 31.47 31.44
N VAL B 296 11.60 30.41 31.30
CA VAL B 296 12.80 30.49 30.47
C VAL B 296 12.41 30.44 29.01
N ALA B 297 11.42 29.63 28.68
CA ALA B 297 10.82 29.73 27.35
C ALA B 297 10.30 31.14 27.09
N GLU B 298 9.44 31.65 27.97
CA GLU B 298 8.89 32.98 27.81
C GLU B 298 9.97 34.03 27.52
N GLU B 299 11.07 33.95 28.26
CA GLU B 299 12.05 35.00 28.13
C GLU B 299 12.72 34.90 26.77
N PHE B 300 12.90 33.68 26.27
CA PHE B 300 13.42 33.53 24.92
C PHE B 300 12.50 34.29 23.95
N PHE B 301 11.19 34.12 24.13
CA PHE B 301 10.23 34.71 23.19
C PHE B 301 10.33 36.23 23.23
N THR B 302 10.40 36.79 24.46
CA THR B 302 10.37 38.23 24.62
C THR B 302 11.72 38.79 24.17
N SER B 303 12.81 38.01 24.16
CA SER B 303 14.10 38.45 23.63
C SER B 303 14.01 38.76 22.14
N LEU B 304 13.04 38.13 21.45
CA LEU B 304 12.75 38.33 20.03
C LEU B 304 11.73 39.46 19.81
N GLU B 305 11.25 40.08 20.89
CA GLU B 305 10.21 41.11 20.83
C GLU B 305 8.90 40.45 20.42
N LEU B 306 8.76 39.19 20.78
CA LEU B 306 7.44 38.60 20.78
C LEU B 306 6.77 38.84 22.12
N SER B 307 5.51 38.49 22.19
CA SER B 307 4.67 38.79 23.31
C SER B 307 4.95 37.88 24.49
N PRO B 308 4.93 38.42 25.73
CA PRO B 308 4.91 37.59 26.92
C PRO B 308 3.58 36.87 27.12
N MET B 309 3.62 35.79 27.92
CA MET B 309 2.40 35.16 28.37
C MET B 309 1.59 36.16 29.19
N PRO B 310 0.28 36.27 28.94
CA PRO B 310 -0.52 37.17 29.73
C PRO B 310 -0.84 36.60 31.12
N PRO B 311 -1.34 37.44 32.04
CA PRO B 311 -1.72 37.00 33.36
C PRO B 311 -2.60 35.76 33.34
N GLU B 312 -3.60 35.77 32.46
CA GLU B 312 -4.56 34.69 32.36
C GLU B 312 -3.87 33.35 32.12
N PHE B 313 -2.76 33.37 31.38
CA PHE B 313 -1.97 32.18 31.14
C PHE B 313 -1.40 31.61 32.45
N TRP B 314 -0.85 32.46 33.31
CA TRP B 314 -0.21 31.97 34.52
C TRP B 314 -1.25 31.56 35.53
N GLU B 315 -2.41 32.23 35.53
CA GLU B 315 -3.44 32.03 36.55
C GLU B 315 -4.26 30.78 36.20
N GLY B 316 -4.29 30.41 34.90
CA GLY B 316 -5.19 29.37 34.41
C GLY B 316 -4.48 28.07 34.01
N SER B 317 -3.20 28.12 33.64
CA SER B 317 -2.59 26.94 33.07
C SER B 317 -2.51 25.79 34.09
N MET B 318 -2.32 24.59 33.60
CA MET B 318 -1.99 23.46 34.45
C MET B 318 -0.61 22.97 34.03
N LEU B 319 0.41 23.34 34.79
CA LEU B 319 1.79 23.20 34.34
C LEU B 319 2.48 22.04 35.06
N GLU B 320 1.72 21.39 35.94
CA GLU B 320 2.12 20.22 36.69
C GLU B 320 0.92 19.27 36.84
N LYS B 321 1.24 17.97 36.92
CA LYS B 321 0.27 16.95 37.22
C LYS B 321 -0.33 17.20 38.60
N PRO B 322 -1.67 17.29 38.76
CA PRO B 322 -2.29 17.41 40.09
C PRO B 322 -1.97 16.24 41.01
N ALA B 323 -1.80 16.54 42.30
CA ALA B 323 -1.47 15.52 43.30
C ALA B 323 -2.74 15.08 44.06
N ASP B 324 -3.86 15.77 43.80
CA ASP B 324 -5.06 15.68 44.59
C ASP B 324 -5.86 14.43 44.23
N GLY B 325 -5.28 13.47 43.51
CA GLY B 325 -6.04 12.35 42.97
C GLY B 325 -7.16 12.77 42.01
N ARG B 326 -6.80 13.42 40.91
CA ARG B 326 -7.68 13.65 39.79
C ARG B 326 -7.15 12.88 38.59
N GLU B 327 -7.99 12.50 37.65
CA GLU B 327 -7.52 12.09 36.36
C GLU B 327 -7.42 13.35 35.49
N VAL B 328 -6.28 13.47 34.78
CA VAL B 328 -6.13 14.47 33.77
C VAL B 328 -5.63 13.82 32.50
N VAL B 329 -5.79 14.53 31.40
CA VAL B 329 -5.05 14.28 30.19
C VAL B 329 -3.67 14.90 30.38
N CYS B 330 -2.65 14.06 30.45
CA CYS B 330 -1.32 14.57 30.70
C CYS B 330 -0.68 15.07 29.43
N HIS B 331 -1.09 14.51 28.28
CA HIS B 331 -0.42 14.83 27.04
C HIS B 331 -0.44 16.35 26.85
N ALA B 332 0.73 16.95 26.66
CA ALA B 332 0.88 18.40 26.67
C ALA B 332 0.05 19.05 25.57
N SER B 333 -0.63 20.14 25.90
CA SER B 333 -1.36 20.89 24.88
C SER B 333 -1.45 22.38 25.21
N ALA B 334 -1.58 23.17 24.13
CA ALA B 334 -1.75 24.62 24.15
C ALA B 334 -3.15 24.99 23.69
N TRP B 335 -3.80 25.86 24.46
CA TRP B 335 -5.22 26.13 24.32
C TRP B 335 -5.53 27.59 24.04
N ASP B 336 -6.37 27.79 23.00
CA ASP B 336 -6.96 29.08 22.67
C ASP B 336 -8.46 29.00 22.95
N PHE B 337 -8.94 29.88 23.82
CA PHE B 337 -10.33 29.87 24.20
C PHE B 337 -11.18 30.75 23.28
N TYR B 338 -10.61 31.35 22.25
CA TYR B 338 -11.35 32.12 21.26
C TYR B 338 -12.09 33.33 21.85
N ASN B 339 -11.61 33.83 23.01
CA ASN B 339 -12.20 35.04 23.59
C ASN B 339 -11.22 36.21 23.57
N ARG B 340 -10.07 36.01 22.90
CA ARG B 340 -9.00 36.99 22.72
C ARG B 340 -8.28 37.29 24.03
N LYS B 341 -8.48 36.48 25.07
CA LYS B 341 -8.09 36.83 26.43
C LYS B 341 -7.44 35.63 27.11
N ASP B 342 -8.14 34.48 27.09
CA ASP B 342 -7.72 33.26 27.75
C ASP B 342 -6.86 32.40 26.82
N PHE B 343 -5.61 32.13 27.26
CA PHE B 343 -4.71 31.18 26.61
C PHE B 343 -4.03 30.36 27.71
N ARG B 344 -3.97 29.03 27.56
CA ARG B 344 -3.46 28.21 28.65
C ARG B 344 -2.68 27.01 28.13
N ILE B 345 -1.69 26.55 28.90
CA ILE B 345 -1.08 25.26 28.62
C ILE B 345 -1.52 24.27 29.70
N LYS B 346 -1.76 23.05 29.27
CA LYS B 346 -2.04 21.93 30.15
C LYS B 346 -0.94 20.89 29.88
N GLN B 347 -0.07 20.70 30.88
CA GLN B 347 1.10 19.83 30.74
C GLN B 347 1.46 19.27 32.10
N CYS B 348 1.68 17.94 32.16
CA CYS B 348 2.20 17.31 33.35
C CYS B 348 3.73 17.38 33.29
N THR B 349 4.23 18.63 33.28
CA THR B 349 5.63 18.97 33.09
C THR B 349 6.49 18.18 34.07
N ARG B 350 7.50 17.54 33.53
CA ARG B 350 8.61 16.97 34.27
C ARG B 350 9.89 17.80 34.02
N VAL B 351 10.77 17.82 35.02
CA VAL B 351 12.01 18.52 34.90
C VAL B 351 13.07 17.65 34.26
N THR B 352 13.11 17.62 32.92
CA THR B 352 14.10 16.96 32.06
C THR B 352 14.41 17.85 30.84
N MET B 353 15.49 17.56 30.14
CA MET B 353 15.85 18.43 29.04
C MET B 353 14.82 18.33 27.92
N ASP B 354 14.25 17.15 27.65
CA ASP B 354 13.36 17.06 26.49
C ASP B 354 11.98 17.68 26.78
N GLN B 355 11.51 17.67 28.05
CA GLN B 355 10.37 18.47 28.46
C GLN B 355 10.64 19.98 28.32
N LEU B 356 11.90 20.39 28.43
CA LEU B 356 12.23 21.77 28.12
C LEU B 356 11.85 22.07 26.67
N SER B 357 12.15 21.17 25.76
CA SER B 357 11.74 21.35 24.37
C SER B 357 10.22 21.38 24.21
N THR B 358 9.54 20.45 24.87
CA THR B 358 8.09 20.34 24.81
C THR B 358 7.45 21.65 25.26
N VAL B 359 7.94 22.16 26.37
CA VAL B 359 7.51 23.44 26.90
C VAL B 359 7.61 24.49 25.79
N HIS B 360 8.75 24.53 25.10
CA HIS B 360 8.95 25.51 24.04
C HIS B 360 7.95 25.25 22.91
N HIS B 361 7.70 23.96 22.62
CA HIS B 361 6.81 23.57 21.54
C HIS B 361 5.44 24.18 21.84
N GLU B 362 4.96 23.90 23.06
CA GLU B 362 3.64 24.31 23.50
C GLU B 362 3.55 25.83 23.59
N MET B 363 4.62 26.46 24.09
CA MET B 363 4.68 27.92 24.07
C MET B 363 4.70 28.49 22.64
N GLY B 364 5.25 27.80 21.66
CA GLY B 364 5.12 28.22 20.27
C GLY B 364 3.65 28.42 19.88
N HIS B 365 2.78 27.53 20.37
CA HIS B 365 1.38 27.52 19.98
C HIS B 365 0.76 28.75 20.60
N ILE B 366 1.01 28.91 21.90
CA ILE B 366 0.44 30.03 22.61
C ILE B 366 0.87 31.29 21.90
N GLN B 367 2.13 31.35 21.47
CA GLN B 367 2.64 32.57 20.90
C GLN B 367 1.87 32.91 19.63
N TYR B 368 1.68 31.89 18.75
CA TYR B 368 0.82 32.02 17.59
C TYR B 368 -0.58 32.57 17.97
N TYR B 369 -1.21 31.98 19.00
CA TYR B 369 -2.55 32.33 19.40
C TYR B 369 -2.59 33.83 19.74
N LEU B 370 -1.53 34.28 20.44
CA LEU B 370 -1.44 35.65 20.90
C LEU B 370 -1.32 36.58 19.70
N GLN B 371 -0.53 36.20 18.72
CA GLN B 371 -0.24 37.10 17.63
C GLN B 371 -1.43 37.30 16.69
N TYR B 372 -2.31 36.31 16.56
CA TYR B 372 -3.34 36.35 15.53
C TYR B 372 -4.71 36.48 16.16
N LYS B 373 -4.77 36.85 17.45
CA LYS B 373 -6.02 36.82 18.18
C LYS B 373 -6.98 37.93 17.70
N ASP B 374 -6.47 38.97 17.01
CA ASP B 374 -7.34 40.02 16.50
C ASP B 374 -7.80 39.73 15.07
N LEU B 375 -7.41 38.60 14.47
CA LEU B 375 -8.01 38.13 13.23
C LEU B 375 -9.41 37.60 13.49
N PRO B 376 -10.30 37.61 12.45
CA PRO B 376 -11.51 36.79 12.40
C PRO B 376 -11.29 35.30 12.66
N VAL B 377 -12.20 34.77 13.48
CA VAL B 377 -12.07 33.47 14.09
C VAL B 377 -11.51 32.42 13.11
N SER B 378 -12.04 32.34 11.89
CA SER B 378 -11.73 31.24 10.98
C SER B 378 -10.26 31.26 10.56
N LEU B 379 -9.65 32.46 10.61
CA LEU B 379 -8.27 32.62 10.19
C LEU B 379 -7.29 32.48 11.36
N ARG B 380 -7.81 32.18 12.56
CA ARG B 380 -6.98 31.97 13.75
C ARG B 380 -6.46 30.53 13.76
N ARG B 381 -5.52 30.28 12.84
CA ARG B 381 -4.87 29.00 12.71
C ARG B 381 -3.58 29.24 11.95
N GLY B 382 -2.72 28.23 11.88
CA GLY B 382 -1.45 28.40 11.20
C GLY B 382 -1.67 28.53 9.70
N ALA B 383 -0.64 29.00 8.97
CA ALA B 383 -0.76 29.14 7.53
C ALA B 383 -1.14 27.77 6.95
N ASN B 384 -0.54 26.74 7.55
CA ASN B 384 -1.05 25.38 7.55
C ASN B 384 -0.73 24.74 8.90
N PRO B 385 -1.37 23.63 9.33
CA PRO B 385 -1.08 23.06 10.63
C PRO B 385 0.41 22.82 10.90
N GLY B 386 1.19 22.49 9.85
CA GLY B 386 2.63 22.34 10.01
C GLY B 386 3.35 23.62 10.54
N PHE B 387 2.93 24.83 10.10
CA PHE B 387 3.45 26.08 10.61
C PHE B 387 3.31 26.16 12.14
N HIS B 388 2.13 25.81 12.63
CA HIS B 388 1.83 25.96 14.03
C HIS B 388 2.78 25.08 14.81
N GLU B 389 3.04 23.87 14.31
CA GLU B 389 3.84 22.91 15.04
C GLU B 389 5.33 23.28 15.01
N ALA B 390 5.75 24.14 14.07
CA ALA B 390 7.17 24.44 13.90
C ALA B 390 7.69 25.60 14.79
N ILE B 391 6.83 26.45 15.35
CA ILE B 391 7.25 27.74 15.91
C ILE B 391 8.17 27.52 17.12
N GLY B 392 7.67 26.73 18.08
CA GLY B 392 8.37 26.48 19.32
C GLY B 392 9.65 25.68 19.10
N ASP B 393 9.56 24.74 18.17
CA ASP B 393 10.67 23.88 17.79
C ASP B 393 11.77 24.75 17.20
N VAL B 394 11.45 25.80 16.44
CA VAL B 394 12.50 26.66 15.92
C VAL B 394 13.31 27.28 17.07
N LEU B 395 12.61 27.84 18.04
CA LEU B 395 13.29 28.46 19.16
C LEU B 395 14.10 27.40 19.89
N ALA B 396 13.56 26.19 20.06
CA ALA B 396 14.20 25.14 20.85
C ALA B 396 15.54 24.74 20.23
N LEU B 397 15.65 24.88 18.90
CA LEU B 397 16.90 24.61 18.22
C LEU B 397 18.02 25.52 18.66
N SER B 398 17.67 26.80 18.87
CA SER B 398 18.61 27.77 19.41
C SER B 398 18.91 27.43 20.87
N VAL B 399 17.90 27.05 21.65
CA VAL B 399 18.04 26.80 23.09
C VAL B 399 19.01 25.64 23.35
N SER B 400 18.92 24.56 22.55
CA SER B 400 19.70 23.37 22.77
C SER B 400 21.17 23.55 22.37
N THR B 401 21.50 24.60 21.60
CA THR B 401 22.90 24.77 21.23
C THR B 401 23.76 24.84 22.48
N PRO B 402 24.91 24.13 22.56
CA PRO B 402 25.80 24.23 23.71
C PRO B 402 26.08 25.68 24.18
N GLU B 403 26.39 26.61 23.27
CA GLU B 403 26.58 28.01 23.61
C GLU B 403 25.41 28.55 24.44
N HIS B 404 24.18 28.33 24.00
CA HIS B 404 23.02 28.93 24.64
C HIS B 404 22.77 28.30 26.00
N LEU B 405 22.91 26.98 26.09
CA LEU B 405 22.84 26.24 27.35
C LEU B 405 23.85 26.83 28.32
N HIS B 406 25.04 27.14 27.83
CA HIS B 406 26.02 27.80 28.65
C HIS B 406 25.46 29.15 29.13
N LYS B 407 24.75 29.87 28.26
CA LYS B 407 24.39 31.25 28.54
C LYS B 407 23.31 31.26 29.60
N ILE B 408 22.50 30.21 29.69
CA ILE B 408 21.46 30.14 30.69
C ILE B 408 21.90 29.26 31.87
N GLY B 409 23.20 28.98 31.93
CA GLY B 409 23.84 28.35 33.08
C GLY B 409 23.59 26.85 33.28
N LEU B 410 23.40 26.07 32.21
CA LEU B 410 23.13 24.64 32.28
C LEU B 410 24.32 23.83 31.77
N LEU B 411 25.39 24.52 31.36
CA LEU B 411 26.53 23.80 30.83
C LEU B 411 27.78 24.63 31.03
N ASP B 412 28.83 24.00 31.60
CA ASP B 412 30.17 24.58 31.66
C ASP B 412 30.63 24.79 30.21
N ARG B 413 31.13 25.99 29.87
CA ARG B 413 31.27 26.32 28.45
C ARG B 413 31.90 25.09 27.78
N VAL B 414 31.25 24.57 26.74
CA VAL B 414 31.82 23.48 25.95
C VAL B 414 32.98 24.10 25.18
N THR B 415 33.93 23.25 24.79
CA THR B 415 34.99 23.65 23.85
C THR B 415 34.53 23.43 22.39
N ASN B 416 34.86 24.37 21.48
CA ASN B 416 34.39 24.39 20.10
C ASN B 416 35.32 23.49 19.29
N ASP B 417 35.14 22.17 19.47
CA ASP B 417 35.93 21.16 18.80
C ASP B 417 34.97 20.23 18.08
N THR B 418 35.57 19.44 17.20
CA THR B 418 34.83 18.58 16.30
C THR B 418 34.01 17.58 17.09
N GLU B 419 34.66 16.97 18.09
CA GLU B 419 34.06 15.82 18.73
C GLU B 419 32.80 16.32 19.43
N SER B 420 32.85 17.55 19.97
CA SER B 420 31.71 18.22 20.60
C SER B 420 30.58 18.46 19.61
N ASP B 421 30.95 18.97 18.43
CA ASP B 421 30.02 19.27 17.36
C ASP B 421 29.19 18.03 16.96
N ILE B 422 29.89 16.88 16.86
CA ILE B 422 29.34 15.59 16.47
C ILE B 422 28.44 15.08 17.60
N ASN B 423 28.91 15.16 18.84
CA ASN B 423 28.07 14.83 19.98
C ASN B 423 26.75 15.58 19.86
N TYR B 424 26.83 16.85 19.46
CA TYR B 424 25.68 17.72 19.56
C TYR B 424 24.74 17.31 18.45
N LEU B 425 25.31 17.22 17.23
CA LEU B 425 24.54 16.89 16.05
C LEU B 425 23.92 15.50 16.17
N LEU B 426 24.59 14.59 16.87
CA LEU B 426 24.09 13.24 17.03
C LEU B 426 22.85 13.28 17.92
N LYS B 427 22.98 14.00 19.03
CA LYS B 427 21.87 14.19 19.94
C LYS B 427 20.64 14.73 19.22
N MET B 428 20.85 15.76 18.39
CA MET B 428 19.76 16.44 17.71
C MET B 428 19.18 15.54 16.62
N ALA B 429 20.04 14.70 16.06
CA ALA B 429 19.64 13.70 15.11
C ALA B 429 18.70 12.69 15.79
N LEU B 430 19.03 12.29 17.04
CA LEU B 430 18.19 11.33 17.74
C LEU B 430 16.78 11.92 17.93
N GLU B 431 16.71 13.25 18.01
CA GLU B 431 15.48 13.94 18.33
C GLU B 431 14.67 14.15 17.04
N LYS B 432 15.42 14.51 15.98
CA LYS B 432 14.80 15.12 14.81
C LYS B 432 14.71 14.13 13.64
N ILE B 433 15.82 13.46 13.34
CA ILE B 433 15.88 12.56 12.22
C ILE B 433 15.14 11.26 12.54
N ALA B 434 15.30 10.72 13.74
CA ALA B 434 14.59 9.51 14.09
C ALA B 434 13.08 9.69 14.02
N PHE B 435 12.60 10.91 14.22
CA PHE B 435 11.17 11.14 14.22
C PHE B 435 10.63 11.15 12.80
N LEU B 436 11.46 11.52 11.83
CA LEU B 436 10.97 11.67 10.47
C LEU B 436 10.09 10.49 10.00
N PRO B 437 10.54 9.20 10.01
CA PRO B 437 9.69 8.09 9.57
C PRO B 437 8.35 8.04 10.26
N PHE B 438 8.33 8.32 11.55
CA PHE B 438 7.10 8.21 12.32
C PHE B 438 6.13 9.34 11.97
N GLY B 439 6.64 10.57 11.85
CA GLY B 439 5.85 11.71 11.40
C GLY B 439 5.13 11.41 10.08
N TYR B 440 5.81 10.73 9.16
CA TYR B 440 5.25 10.39 7.87
C TYR B 440 4.23 9.26 8.00
N LEU B 441 4.54 8.21 8.78
CA LEU B 441 3.81 6.97 8.68
C LEU B 441 2.43 7.02 9.34
N VAL B 442 2.24 7.79 10.39
CA VAL B 442 1.02 7.69 11.19
C VAL B 442 -0.22 8.05 10.37
N ASP B 443 -0.18 9.13 9.61
CA ASP B 443 -1.35 9.49 8.80
C ASP B 443 -1.45 8.64 7.55
N GLN B 444 -0.35 8.02 7.13
CA GLN B 444 -0.47 7.04 6.07
C GLN B 444 -1.37 5.91 6.58
N TRP B 445 -1.16 5.48 7.82
CA TRP B 445 -2.05 4.47 8.35
C TRP B 445 -3.50 4.98 8.44
N ARG B 446 -3.67 6.24 8.88
CA ARG B 446 -5.01 6.78 9.07
C ARG B 446 -5.77 7.05 7.76
N TRP B 447 -5.07 7.53 6.74
CA TRP B 447 -5.63 7.70 5.41
C TRP B 447 -6.17 6.38 4.86
N GLY B 448 -5.39 5.30 5.07
CA GLY B 448 -5.78 3.95 4.73
C GLY B 448 -7.08 3.51 5.42
N VAL B 449 -7.18 3.80 6.71
CA VAL B 449 -8.36 3.42 7.49
C VAL B 449 -9.56 4.21 7.01
N PHE B 450 -9.42 5.52 6.85
CA PHE B 450 -10.52 6.35 6.40
C PHE B 450 -10.96 5.95 5.00
N SER B 451 -10.05 5.58 4.10
CA SER B 451 -10.38 5.29 2.73
C SER B 451 -11.03 3.92 2.60
N GLY B 452 -10.90 3.04 3.59
CA GLY B 452 -11.34 1.66 3.37
C GLY B 452 -10.20 0.70 3.00
N ARG B 453 -9.00 1.16 2.59
CA ARG B 453 -7.90 0.26 2.34
C ARG B 453 -7.65 -0.61 3.56
N THR B 454 -7.70 -0.05 4.77
CA THR B 454 -7.44 -0.81 5.98
C THR B 454 -8.74 -0.95 6.79
N PRO B 455 -9.44 -2.08 6.65
CA PRO B 455 -10.58 -2.35 7.50
C PRO B 455 -10.12 -2.73 8.90
N PRO B 456 -11.08 -2.82 9.87
CA PRO B 456 -10.80 -3.31 11.21
C PRO B 456 -9.96 -4.60 11.25
N SER B 457 -10.10 -5.44 10.26
CA SER B 457 -9.44 -6.74 10.30
C SER B 457 -7.97 -6.61 9.92
N ARG B 458 -7.55 -5.39 9.52
CA ARG B 458 -6.15 -5.16 9.20
C ARG B 458 -5.58 -3.93 9.91
N TYR B 459 -6.26 -3.42 10.93
CA TYR B 459 -5.79 -2.23 11.63
C TYR B 459 -4.36 -2.44 12.11
N ASN B 460 -4.08 -3.61 12.71
CA ASN B 460 -2.80 -3.83 13.37
C ASN B 460 -1.79 -4.36 12.36
N PHE B 461 -2.23 -5.22 11.42
CA PHE B 461 -1.41 -5.65 10.31
C PHE B 461 -0.81 -4.44 9.56
N ASP B 462 -1.67 -3.49 9.21
CA ASP B 462 -1.24 -2.40 8.38
C ASP B 462 -0.37 -1.44 9.18
N TRP B 463 -0.64 -1.33 10.48
CA TRP B 463 0.16 -0.44 11.31
C TRP B 463 1.61 -0.92 11.35
N TRP B 464 1.81 -2.21 11.64
CA TRP B 464 3.16 -2.74 11.77
C TRP B 464 3.88 -2.81 10.42
N TYR B 465 3.10 -2.87 9.33
CA TYR B 465 3.70 -2.85 8.03
C TYR B 465 4.41 -1.49 7.88
N LEU B 466 3.66 -0.41 8.19
CA LEU B 466 4.15 0.95 8.08
C LEU B 466 5.30 1.20 9.07
N ARG B 467 5.16 0.69 10.30
CA ARG B 467 6.21 0.80 11.30
C ARG B 467 7.51 0.19 10.81
N THR B 468 7.46 -1.05 10.34
CA THR B 468 8.65 -1.72 9.84
C THR B 468 9.18 -1.01 8.61
N LYS B 469 8.29 -0.72 7.67
CA LYS B 469 8.71 -0.14 6.42
C LYS B 469 9.47 1.19 6.61
N TYR B 470 8.93 2.12 7.39
CA TYR B 470 9.54 3.41 7.58
C TYR B 470 10.59 3.43 8.71
N GLN B 471 10.20 3.01 9.92
CA GLN B 471 11.04 3.14 11.08
C GLN B 471 12.04 2.00 11.23
N GLY B 472 11.77 0.86 10.62
CA GLY B 472 12.66 -0.28 10.74
C GLY B 472 12.63 -0.84 12.16
N ILE B 473 11.41 -0.91 12.73
CA ILE B 473 11.18 -1.57 14.01
C ILE B 473 10.18 -2.69 13.87
N CYS B 474 10.22 -3.60 14.84
CA CYS B 474 9.33 -4.75 14.94
C CYS B 474 8.77 -4.78 16.34
N PRO B 475 7.56 -5.33 16.57
CA PRO B 475 7.09 -5.52 17.93
C PRO B 475 7.95 -6.56 18.64
N PRO B 476 8.21 -6.40 19.94
CA PRO B 476 9.04 -7.36 20.70
C PRO B 476 8.31 -8.61 21.20
N VAL B 477 6.98 -8.58 21.10
CA VAL B 477 6.11 -9.70 21.34
C VAL B 477 5.12 -9.72 20.18
N THR B 478 4.60 -10.93 19.91
CA THR B 478 3.63 -11.16 18.86
C THR B 478 2.41 -10.28 19.08
N ARG B 479 1.91 -9.71 18.00
CA ARG B 479 0.66 -8.96 18.06
C ARG B 479 -0.29 -9.66 17.08
N ASN B 480 -1.59 -9.57 17.34
CA ASN B 480 -2.58 -10.00 16.40
C ASN B 480 -3.62 -8.88 16.34
N GLU B 481 -4.74 -9.14 15.71
CA GLU B 481 -5.71 -8.09 15.44
C GLU B 481 -6.65 -7.86 16.60
N THR B 482 -6.60 -8.63 17.69
CA THR B 482 -7.20 -8.14 18.94
C THR B 482 -6.47 -6.88 19.44
N HIS B 483 -5.16 -6.80 19.18
CA HIS B 483 -4.38 -5.61 19.50
C HIS B 483 -4.72 -4.44 18.56
N PHE B 484 -4.56 -3.24 19.09
CA PHE B 484 -4.81 -2.03 18.33
C PHE B 484 -3.73 -1.03 18.72
N ASP B 485 -2.53 -1.24 18.18
CA ASP B 485 -1.32 -0.57 18.63
C ASP B 485 -1.30 0.87 18.17
N ALA B 486 -2.02 1.17 17.10
CA ALA B 486 -2.18 2.56 16.69
C ALA B 486 -2.90 3.36 17.80
N GLY B 487 -3.79 2.72 18.55
CA GLY B 487 -4.60 3.42 19.52
C GLY B 487 -3.89 3.69 20.84
N ALA B 488 -2.71 3.07 21.01
CA ALA B 488 -1.83 3.36 22.12
C ALA B 488 -0.97 4.61 21.85
N LYS B 489 -1.17 5.30 20.73
CA LYS B 489 -0.56 6.62 20.49
C LYS B 489 -1.64 7.69 20.59
N PHE B 490 -1.45 8.69 21.46
CA PHE B 490 -2.44 9.69 21.83
C PHE B 490 -3.27 10.27 20.66
N HIS B 491 -2.58 10.73 19.61
CA HIS B 491 -3.24 11.39 18.51
C HIS B 491 -4.35 10.57 17.85
N VAL B 492 -4.29 9.24 17.97
CA VAL B 492 -5.22 8.42 17.24
C VAL B 492 -6.57 8.47 17.97
N PRO B 493 -6.75 8.05 19.24
CA PRO B 493 -8.05 8.21 19.91
C PRO B 493 -8.49 9.65 20.08
N ASN B 494 -7.52 10.55 20.03
CA ASN B 494 -7.80 11.95 20.20
C ASN B 494 -8.16 12.59 18.86
N VAL B 495 -7.94 11.88 17.76
CA VAL B 495 -8.30 12.33 16.45
C VAL B 495 -7.56 13.63 16.15
N THR B 496 -6.25 13.62 16.32
CA THR B 496 -5.46 14.77 15.97
C THR B 496 -4.59 14.33 14.80
N PRO B 497 -4.66 15.04 13.64
CA PRO B 497 -3.83 14.71 12.50
C PRO B 497 -2.35 14.76 12.88
N TYR B 498 -1.56 14.00 12.13
CA TYR B 498 -0.17 13.78 12.48
C TYR B 498 0.81 14.28 11.40
N ILE B 499 0.42 14.33 10.12
CA ILE B 499 1.34 14.67 9.05
C ILE B 499 1.90 16.09 9.26
N ARG B 500 1.18 16.96 9.96
CA ARG B 500 1.66 18.26 10.41
C ARG B 500 3.05 18.19 11.05
N TYR B 501 3.33 17.12 11.77
CA TYR B 501 4.57 16.96 12.49
C TYR B 501 5.68 16.67 11.51
N PHE B 502 5.40 15.84 10.50
CA PHE B 502 6.42 15.60 9.48
C PHE B 502 6.69 16.87 8.69
N VAL B 503 5.64 17.65 8.37
CA VAL B 503 5.82 18.93 7.73
C VAL B 503 6.62 19.87 8.64
N SER B 504 6.26 19.89 9.93
CA SER B 504 6.93 20.71 10.91
C SER B 504 8.41 20.37 11.02
N PHE B 505 8.77 19.10 10.92
CA PHE B 505 10.12 18.70 11.27
C PHE B 505 11.04 19.11 10.11
N VAL B 506 10.46 19.32 8.95
CA VAL B 506 11.22 19.83 7.82
C VAL B 506 11.22 21.37 7.80
N LEU B 507 10.02 21.93 8.04
CA LEU B 507 9.78 23.36 7.96
C LEU B 507 10.63 24.08 9.01
N GLN B 508 10.84 23.41 10.15
CA GLN B 508 11.50 24.09 11.25
C GLN B 508 12.95 24.43 10.87
N PHE B 509 13.60 23.58 10.06
CA PHE B 509 14.94 23.87 9.61
C PHE B 509 14.93 24.93 8.53
N GLN B 510 13.81 25.04 7.81
CA GLN B 510 13.73 26.08 6.82
C GLN B 510 13.63 27.41 7.55
N PHE B 511 12.79 27.44 8.60
CA PHE B 511 12.60 28.67 9.35
C PHE B 511 13.91 29.05 10.07
N HIS B 512 14.56 28.07 10.67
CA HIS B 512 15.82 28.23 11.35
C HIS B 512 16.80 28.95 10.43
N GLU B 513 17.05 28.40 9.25
CA GLU B 513 17.99 29.00 8.33
C GLU B 513 17.64 30.45 8.01
N ALA B 514 16.33 30.73 7.81
CA ALA B 514 15.91 32.09 7.48
C ALA B 514 16.21 33.04 8.62
N LEU B 515 15.76 32.69 9.85
CA LEU B 515 15.91 33.53 11.03
C LEU B 515 17.39 33.82 11.30
N CYS B 516 18.24 32.79 11.23
CA CYS B 516 19.67 32.93 11.41
C CYS B 516 20.32 33.89 10.41
N LYS B 517 19.95 33.78 9.14
CA LYS B 517 20.43 34.73 8.13
C LYS B 517 19.92 36.13 8.45
N GLU B 518 18.67 36.24 8.93
CA GLU B 518 18.07 37.53 9.28
C GLU B 518 18.74 38.13 10.52
N ALA B 519 19.27 37.27 11.38
CA ALA B 519 19.91 37.67 12.62
C ALA B 519 21.35 38.08 12.36
N GLY B 520 21.81 37.93 11.12
CA GLY B 520 23.20 38.28 10.80
C GLY B 520 24.15 37.10 11.00
N TYR B 521 23.66 35.98 11.57
CA TYR B 521 24.56 34.92 12.00
C TYR B 521 25.28 34.37 10.77
N GLU B 522 26.61 34.19 10.87
CA GLU B 522 27.40 33.81 9.72
C GLU B 522 28.31 32.62 10.03
N GLY B 523 28.02 31.85 11.07
CA GLY B 523 28.69 30.58 11.31
C GLY B 523 27.93 29.34 10.79
N PRO B 524 28.30 28.12 11.24
CA PRO B 524 27.55 26.93 10.89
C PRO B 524 26.12 27.00 11.43
N LEU B 525 25.15 26.58 10.60
CA LEU B 525 23.74 26.68 10.92
C LEU B 525 23.39 26.04 12.26
N HIS B 526 24.04 24.92 12.58
CA HIS B 526 23.67 24.13 13.74
C HIS B 526 24.22 24.75 15.02
N GLN B 527 25.07 25.79 14.90
CA GLN B 527 25.51 26.56 16.06
C GLN B 527 24.82 27.92 16.16
N CYS B 528 23.86 28.21 15.30
CA CYS B 528 23.14 29.48 15.39
C CYS B 528 22.25 29.56 16.64
N ASP B 529 22.32 30.72 17.31
CA ASP B 529 21.39 31.05 18.37
C ASP B 529 20.70 32.37 18.04
N ILE B 530 19.39 32.37 17.77
CA ILE B 530 18.70 33.63 17.44
C ILE B 530 18.35 34.44 18.69
N TYR B 531 18.66 33.94 19.89
CA TYR B 531 18.45 34.66 21.13
C TYR B 531 18.74 36.17 20.92
N ARG B 532 17.76 37.01 21.28
CA ARG B 532 17.87 38.45 21.35
C ARG B 532 18.00 39.10 19.99
N SER B 533 17.78 38.37 18.89
CA SER B 533 17.68 38.99 17.57
C SER B 533 16.26 39.50 17.34
N THR B 534 16.07 40.81 17.47
CA THR B 534 14.77 41.42 17.22
C THR B 534 14.49 41.44 15.71
N LYS B 535 15.52 41.41 14.86
CA LYS B 535 15.32 41.26 13.42
C LYS B 535 14.67 39.91 13.12
N ALA B 536 15.29 38.83 13.61
CA ALA B 536 14.70 37.50 13.51
C ALA B 536 13.27 37.49 14.03
N GLY B 537 13.05 38.15 15.19
CA GLY B 537 11.75 38.20 15.81
C GLY B 537 10.71 38.90 14.95
N ALA B 538 11.11 40.01 14.30
CA ALA B 538 10.20 40.74 13.44
C ALA B 538 9.78 39.83 12.28
N LYS B 539 10.73 39.02 11.80
CA LYS B 539 10.47 38.18 10.65
C LYS B 539 9.46 37.09 11.03
N LEU B 540 9.69 36.41 12.16
CA LEU B 540 8.74 35.45 12.71
C LEU B 540 7.39 36.07 13.03
N ARG B 541 7.39 37.28 13.58
CA ARG B 541 6.15 37.93 14.00
C ARG B 541 5.25 38.11 12.80
N LYS B 542 5.82 38.46 11.64
CA LYS B 542 5.01 38.68 10.45
C LYS B 542 4.27 37.38 10.12
N VAL B 543 4.91 36.24 10.28
CA VAL B 543 4.26 34.99 9.97
C VAL B 543 3.14 34.71 10.96
N LEU B 544 3.44 34.87 12.26
CA LEU B 544 2.48 34.53 13.31
C LEU B 544 1.23 35.37 13.17
N ARG B 545 1.42 36.64 12.81
CA ARG B 545 0.33 37.61 12.80
C ARG B 545 -0.61 37.36 11.62
N ALA B 546 -0.12 36.71 10.55
CA ALA B 546 -0.92 36.45 9.36
C ALA B 546 -1.96 35.34 9.58
N GLY B 547 -1.83 34.53 10.62
CA GLY B 547 -2.70 33.37 10.75
C GLY B 547 -2.75 32.56 9.46
N SER B 548 -3.98 32.24 9.03
CA SER B 548 -4.25 31.52 7.78
C SER B 548 -4.93 32.44 6.81
N SER B 549 -4.65 33.74 6.91
CA SER B 549 -5.29 34.67 6.01
C SER B 549 -4.59 34.71 4.66
N ARG B 550 -3.41 34.09 4.51
CA ARG B 550 -2.83 33.96 3.19
C ARG B 550 -2.34 32.54 2.93
N PRO B 551 -2.36 32.08 1.65
CA PRO B 551 -1.82 30.78 1.29
C PRO B 551 -0.40 30.54 1.80
N TRP B 552 -0.22 29.37 2.41
CA TRP B 552 0.97 29.08 3.15
C TRP B 552 2.20 29.12 2.24
N GLN B 553 2.02 28.87 0.94
CA GLN B 553 3.13 28.82 -0.02
C GLN B 553 3.65 30.24 -0.21
N GLU B 554 2.74 31.22 -0.09
CA GLU B 554 3.05 32.63 -0.23
C GLU B 554 3.72 33.15 1.05
N VAL B 555 3.15 32.84 2.22
CA VAL B 555 3.75 33.20 3.51
C VAL B 555 5.18 32.66 3.58
N LEU B 556 5.30 31.34 3.29
CA LEU B 556 6.59 30.67 3.28
C LEU B 556 7.60 31.40 2.39
N LYS B 557 7.18 31.86 1.20
CA LYS B 557 8.08 32.52 0.25
C LYS B 557 8.57 33.86 0.81
N ASP B 558 7.69 34.66 1.41
CA ASP B 558 8.11 35.91 2.00
C ASP B 558 9.18 35.63 3.05
N MET B 559 9.02 34.51 3.76
CA MET B 559 9.86 34.29 4.92
C MET B 559 11.21 33.68 4.56
N VAL B 560 11.23 32.66 3.69
CA VAL B 560 12.45 31.92 3.43
C VAL B 560 12.83 32.01 1.97
N GLY B 561 12.02 32.64 1.11
CA GLY B 561 12.35 32.83 -0.31
C GLY B 561 11.95 31.65 -1.22
N LEU B 562 11.35 30.61 -0.64
CA LEU B 562 10.88 29.51 -1.43
C LEU B 562 9.41 29.25 -1.08
N ASP B 563 8.61 28.88 -2.09
CA ASP B 563 7.18 28.65 -1.93
C ASP B 563 6.89 27.17 -1.68
N ALA B 564 7.85 26.40 -1.20
CA ALA B 564 7.64 24.98 -1.02
C ALA B 564 8.50 24.48 0.13
N LEU B 565 7.95 23.53 0.90
CA LEU B 565 8.74 22.67 1.76
C LEU B 565 9.99 22.23 1.02
N ASP B 566 11.11 22.14 1.75
CA ASP B 566 12.43 21.88 1.17
C ASP B 566 13.26 21.20 2.23
N ALA B 567 13.94 20.11 1.82
CA ALA B 567 14.76 19.35 2.75
C ALA B 567 16.19 19.92 2.88
N GLN B 568 16.61 20.82 1.97
CA GLN B 568 17.99 21.27 1.96
C GLN B 568 18.41 21.88 3.31
N PRO B 569 17.60 22.72 3.97
CA PRO B 569 18.03 23.28 5.24
C PRO B 569 18.32 22.21 6.26
N LEU B 570 17.41 21.23 6.36
CA LEU B 570 17.60 20.17 7.31
C LEU B 570 18.90 19.44 7.00
N LEU B 571 19.09 19.16 5.72
CA LEU B 571 20.26 18.40 5.31
C LEU B 571 21.52 19.19 5.56
N LYS B 572 21.50 20.53 5.43
CA LYS B 572 22.73 21.29 5.62
C LYS B 572 23.03 21.34 7.12
N TYR B 573 21.99 21.50 7.94
CA TYR B 573 22.07 21.44 9.39
C TYR B 573 22.81 20.18 9.82
N PHE B 574 22.45 18.99 9.32
CA PHE B 574 22.95 17.74 9.88
C PHE B 574 24.20 17.27 9.14
N GLN B 575 24.52 17.98 8.06
CA GLN B 575 25.51 17.59 7.07
C GLN B 575 26.72 16.87 7.65
N LEU B 576 27.28 17.37 8.74
CA LEU B 576 28.55 16.87 9.26
C LEU B 576 28.40 15.49 9.93
N VAL B 577 27.29 15.28 10.65
CA VAL B 577 27.04 14.02 11.32
C VAL B 577 26.47 13.02 10.30
N THR B 578 25.94 13.49 9.17
CA THR B 578 25.57 12.61 8.08
C THR B 578 26.83 11.96 7.53
N GLN B 579 27.86 12.76 7.24
CA GLN B 579 29.14 12.28 6.73
C GLN B 579 29.80 11.38 7.77
N TRP B 580 29.70 11.72 9.05
CA TRP B 580 30.35 10.99 10.13
C TRP B 580 29.70 9.61 10.31
N LEU B 581 28.36 9.59 10.29
CA LEU B 581 27.59 8.38 10.50
C LEU B 581 27.85 7.35 9.38
N GLN B 582 27.98 7.82 8.13
CA GLN B 582 28.27 6.96 7.01
C GLN B 582 29.67 6.36 7.17
N GLU B 583 30.63 7.19 7.61
CA GLU B 583 31.98 6.72 7.81
C GLU B 583 31.99 5.63 8.87
N GLN B 584 31.31 5.84 9.99
CA GLN B 584 31.25 4.85 11.07
C GLN B 584 30.64 3.52 10.62
N ASN B 585 29.54 3.65 9.87
CA ASN B 585 28.72 2.54 9.48
C ASN B 585 29.51 1.67 8.50
N GLN B 586 30.28 2.33 7.62
CA GLN B 586 31.19 1.66 6.71
C GLN B 586 32.35 1.01 7.46
N GLN B 587 33.00 1.73 8.37
CA GLN B 587 34.01 1.13 9.22
C GLN B 587 33.47 -0.13 9.91
N ASN B 588 32.24 -0.11 10.44
CA ASN B 588 31.77 -1.28 11.16
C ASN B 588 31.15 -2.35 10.27
N GLY B 589 31.20 -2.16 8.94
CA GLY B 589 30.58 -3.03 7.95
C GLY B 589 29.08 -3.22 8.18
N GLU B 590 28.35 -2.17 8.53
CA GLU B 590 26.94 -2.24 8.74
C GLU B 590 26.17 -2.36 7.42
N VAL B 591 24.95 -2.88 7.55
CA VAL B 591 24.03 -2.91 6.43
C VAL B 591 22.99 -1.84 6.69
N LEU B 592 22.86 -0.89 5.77
CA LEU B 592 21.80 0.11 5.90
C LEU B 592 20.47 -0.58 5.59
N GLY B 593 19.49 -0.28 6.42
CA GLY B 593 18.22 -0.96 6.28
C GLY B 593 18.14 -2.26 7.08
N TRP B 594 17.05 -2.99 6.82
CA TRP B 594 16.69 -4.17 7.56
C TRP B 594 16.22 -5.24 6.57
N PRO B 595 17.14 -5.86 5.80
CA PRO B 595 16.73 -6.87 4.86
C PRO B 595 16.05 -8.09 5.54
N GLU B 596 16.34 -8.32 6.85
CA GLU B 596 15.71 -9.43 7.55
C GLU B 596 14.42 -8.93 8.18
N TYR B 597 13.45 -8.57 7.32
CA TYR B 597 12.28 -7.80 7.74
C TYR B 597 11.33 -8.69 8.54
N GLN B 598 11.47 -10.00 8.47
CA GLN B 598 10.51 -10.86 9.13
C GLN B 598 10.93 -11.10 10.57
N TRP B 599 12.22 -10.91 10.87
CA TRP B 599 12.77 -11.12 12.19
C TRP B 599 12.08 -10.29 13.29
N HIS B 600 11.78 -10.98 14.39
CA HIS B 600 11.21 -10.46 15.63
C HIS B 600 12.03 -11.11 16.74
N PRO B 601 12.29 -10.45 17.89
CA PRO B 601 13.15 -11.04 18.92
C PRO B 601 12.46 -12.12 19.72
N PRO B 602 13.17 -13.09 20.34
CA PRO B 602 12.53 -14.02 21.25
C PRO B 602 12.06 -13.34 22.54
N LEU B 603 11.21 -14.00 23.30
CA LEU B 603 10.87 -13.54 24.65
C LEU B 603 12.06 -13.77 25.57
N PRO B 604 12.25 -12.92 26.60
CA PRO B 604 13.14 -13.24 27.72
C PRO B 604 12.72 -14.49 28.51
N ASP B 605 13.69 -15.19 29.12
CA ASP B 605 13.40 -16.37 29.91
C ASP B 605 12.50 -16.01 31.08
N ASN B 606 11.48 -16.82 31.34
CA ASN B 606 10.62 -16.63 32.50
C ASN B 606 10.09 -15.17 32.52
N TYR B 607 9.54 -14.69 31.38
CA TYR B 607 8.85 -13.40 31.32
C TYR B 607 7.33 -13.66 31.29
N PRO B 608 6.45 -13.01 32.10
CA PRO B 608 6.81 -12.05 33.15
C PRO B 608 6.82 -12.64 34.56
#